data_9MGR
#
_entry.id   9MGR
#
_cell.length_a   102.946
_cell.length_b   137.889
_cell.length_c   178.607
_cell.angle_alpha   90.00
_cell.angle_beta   90.00
_cell.angle_gamma   90.00
#
_symmetry.space_group_name_H-M   'I 2 2 2'
#
loop_
_entity.id
_entity.type
_entity.pdbx_description
1 polymer 'Protein arginine N-methyltransferase 5'
2 polymer 'Methylosome protein 50'
3 non-polymer 6-[(1-acetylazetidin-3-yl)amino]-N-[(2R)-2-hydroxy-2-{(3S)-7-[(4-methyl-1,3-oxazol-5-yl)methoxy]-1,2,3,4-tetrahydroisoquinolin-3-yl}ethyl]-2-(4-methylpiperidin-1-yl)pyrimidine-4-carboxamide
4 non-polymer "5'-DEOXY-5'-METHYLTHIOADENOSINE"
5 non-polymer 1,2-ETHANEDIOL
6 water water
#
loop_
_entity_poly.entity_id
_entity_poly.type
_entity_poly.pdbx_seq_one_letter_code
_entity_poly.pdbx_strand_id
1 'polypeptide(L)'
;MDYKDDDDKAAMAVGGAGGSRVSSGRDLNCVPEIADTLGAVAKQGFDFLCMPVFHPRFKREFIQEPAKNRPGPQTRSDLL
LSGRDWNTLIVGKLSPWIRPDSKVEKIRRNSEAAMLQELNFGAYLGLPAFLLPLNQEDNTNLARVLTNHIHTGHHSSMFW
MRVPLVAPEDLRDDIIENAPTTHTEEYSGEEKTWMWWHNFRTLCDYSKRIAVALEIGADLPSNHVIDRWLGEPIKAAILP
TSIFLTNKKGFPVLSKMHQRLIFRLLKLEVQFIITGTNHHSEKEFCSYLQYLEYLSQNRPPPNAYELFAKGYEDYLQSPL
QPLMDNLESQTYEVFEKDPIKYSQYQQAIYKCLLDRVPEEEKDTNVQVLMVLGAGRGPLVNASLRAAKQADRRIKLYAVE
KNPNAVVTLENWQFEEWGSQVTVVSSDMREWVAPEKADIIVSELLGSFADNELSPECLDGAQHFLKDDGVSIPGEYTSFL
APISSSKLYNEVRACREKDRDPEAQFEMPYVVRLHNFHQLSAPQPCFTFSHPNRDPMIDNNRYCTLEFPVEVNTVLHGFA
GYFETVLYQDITLSIRPETHSPGMFSWFPILFPIKQPITVREGQTICVRFWRCSNSKKVWYEWAVTAPVCSAIHNPTGRS
YTIGL
;
A
2 'polypeptide(L)'
;MHHHHHHHHRKETPPPLVPPAAREWNLPPNAPACMERQLEAARYRSDGALLLGASSLSGRCWAGSLWLFKDPCAAPNEGF
CSAGVQTEAGVADLTWVGERGILVASDSGAVELWELDENETLIVSKFCKYEHDDIVSTVSVLSSGTQAVSGSKDICIKVW
DLAQQVVLSSYRAHAAQVTCVAASPHKDSVFLSCSEDNRILLWDTRCPKPASQIGCSAPGYLPTSLAWHPQQSEVFVFGD
ENGTVSLVDTKSTSCVLSSAVHSQCVTGLVFSPHSVPFLASLSEDCSLAVLDSSLSELFRSQAHRDFVRDATWSPLNHSL
LTTVGWDHQVVHHVVPTEPLPAPGPASVTE
;
B
#
loop_
_chem_comp.id
_chem_comp.type
_chem_comp.name
_chem_comp.formula
A1BLF non-polymer 6-[(1-acetylazetidin-3-yl)amino]-N-[(2R)-2-hydroxy-2-{(3S)-7-[(4-methyl-1,3-oxazol-5-yl)methoxy]-1,2,3,4-tetrahydroisoquinolin-3-yl}ethyl]-2-(4-methylpiperidin-1-yl)pyrimidine-4-carboxamide 'C32 H42 N8 O5'
EDO non-polymer 1,2-ETHANEDIOL 'C2 H6 O2'
MTA non-polymer 5'-DEOXY-5'-METHYLTHIOADENOSINE 'C11 H15 N5 O3 S'
#
# COMPACT_ATOMS: atom_id res chain seq x y z
N ARG A 21 3.15 12.28 16.03
CA ARG A 21 3.07 10.79 16.12
C ARG A 21 2.58 10.24 14.78
N VAL A 22 1.36 10.64 14.38
CA VAL A 22 0.76 10.18 13.13
C VAL A 22 1.13 11.17 12.03
N SER A 23 2.05 10.75 11.15
CA SER A 23 2.27 11.43 9.89
C SER A 23 1.14 11.08 8.92
N SER A 24 0.52 12.10 8.32
CA SER A 24 -0.72 11.93 7.59
C SER A 24 -0.76 12.86 6.38
N GLY A 25 -1.65 12.56 5.44
CA GLY A 25 -1.76 13.31 4.21
C GLY A 25 -3.19 13.36 3.70
N ARG A 26 -3.51 14.43 2.97
CA ARG A 26 -4.81 14.62 2.36
C ARG A 26 -4.72 14.24 0.88
N ASP A 27 -5.62 13.36 0.44
CA ASP A 27 -5.76 13.05 -0.97
C ASP A 27 -6.88 13.91 -1.56
N LEU A 28 -6.56 14.65 -2.62
CA LEU A 28 -7.54 15.42 -3.37
C LEU A 28 -7.42 15.05 -4.84
N ASN A 29 -8.51 15.27 -5.57
CA ASN A 29 -8.52 15.07 -7.02
C ASN A 29 -9.09 16.32 -7.68
N CYS A 30 -9.19 17.41 -6.90
CA CYS A 30 -9.61 18.71 -7.38
C CYS A 30 -8.86 19.79 -6.60
N VAL A 31 -8.01 20.55 -7.32
CA VAL A 31 -7.21 21.61 -6.71
C VAL A 31 -7.36 22.84 -7.59
N PRO A 32 -8.26 23.80 -7.24
CA PRO A 32 -8.43 25.01 -8.03
C PRO A 32 -7.16 25.86 -8.04
N GLU A 33 -6.56 26.05 -6.84
CA GLU A 33 -5.29 26.74 -6.72
C GLU A 33 -4.44 26.02 -5.67
N ILE A 34 -3.19 25.73 -6.05
CA ILE A 34 -2.30 24.90 -5.25
C ILE A 34 -2.10 25.54 -3.86
N ALA A 35 -1.83 26.85 -3.85
CA ALA A 35 -1.45 27.55 -2.64
C ALA A 35 -2.64 27.62 -1.68
N ASP A 36 -3.79 28.09 -2.19
CA ASP A 36 -5.03 28.10 -1.43
C ASP A 36 -5.24 26.72 -0.80
N THR A 37 -5.21 25.69 -1.66
CA THR A 37 -5.47 24.33 -1.26
C THR A 37 -4.45 23.89 -0.21
N LEU A 38 -3.16 24.08 -0.51
CA LEU A 38 -2.10 23.53 0.33
C LEU A 38 -2.15 24.17 1.71
N GLY A 39 -2.48 25.47 1.77
CA GLY A 39 -2.70 26.14 3.03
C GLY A 39 -3.83 25.48 3.81
N ALA A 40 -4.97 25.30 3.13
CA ALA A 40 -6.16 24.71 3.72
C ALA A 40 -5.83 23.39 4.43
N VAL A 41 -5.04 22.54 3.77
CA VAL A 41 -4.77 21.21 4.30
C VAL A 41 -3.69 21.32 5.38
N ALA A 42 -2.75 22.25 5.20
CA ALA A 42 -1.79 22.55 6.24
C ALA A 42 -2.54 23.02 7.49
N LYS A 43 -3.46 23.97 7.28
CA LYS A 43 -4.35 24.47 8.32
C LYS A 43 -5.05 23.30 9.00
N GLN A 44 -5.67 22.42 8.21
CA GLN A 44 -6.43 21.29 8.70
C GLN A 44 -5.58 20.37 9.57
N GLY A 45 -4.27 20.29 9.30
CA GLY A 45 -3.33 19.58 10.16
C GLY A 45 -2.58 18.47 9.43
N PHE A 46 -2.76 18.35 8.11
CA PHE A 46 -2.09 17.33 7.33
C PHE A 46 -0.62 17.70 7.16
N ASP A 47 0.24 16.68 7.02
CA ASP A 47 1.67 16.87 6.82
C ASP A 47 1.99 17.01 5.33
N PHE A 48 1.13 16.49 4.45
CA PHE A 48 1.39 16.54 3.02
C PHE A 48 0.08 16.38 2.24
N LEU A 49 0.18 16.52 0.91
CA LEU A 49 -0.96 16.53 0.02
C LEU A 49 -0.69 15.64 -1.19
N CYS A 50 -1.64 14.75 -1.50
CA CYS A 50 -1.62 13.98 -2.73
C CYS A 50 -2.55 14.66 -3.74
N MET A 51 -2.02 14.96 -4.93
CA MET A 51 -2.78 15.73 -5.91
C MET A 51 -2.28 15.45 -7.33
N PRO A 52 -3.08 15.77 -8.37
CA PRO A 52 -2.66 15.59 -9.76
C PRO A 52 -1.67 16.69 -10.17
N VAL A 53 -0.77 16.35 -11.10
CA VAL A 53 0.22 17.29 -11.59
C VAL A 53 -0.23 17.83 -12.96
N PHE A 54 -1.11 17.07 -13.63
CA PHE A 54 -1.91 17.58 -14.74
C PHE A 54 -3.38 17.43 -14.33
N HIS A 55 -4.26 18.22 -14.93
CA HIS A 55 -5.67 18.18 -14.56
C HIS A 55 -6.23 16.79 -14.90
N PRO A 56 -6.85 16.10 -13.90
CA PRO A 56 -7.37 14.75 -14.09
C PRO A 56 -8.19 14.49 -15.36
N ARG A 57 -8.89 15.52 -15.85
CA ARG A 57 -9.79 15.38 -16.98
C ARG A 57 -9.12 15.82 -18.29
N PHE A 58 -7.88 16.31 -18.22
CA PHE A 58 -7.25 16.98 -19.35
C PHE A 58 -6.55 15.97 -20.25
N LYS A 59 -7.31 15.11 -20.92
CA LYS A 59 -6.75 14.07 -21.75
C LYS A 59 -5.97 14.71 -22.89
N ARG A 60 -4.75 14.20 -23.14
CA ARG A 60 -3.84 14.74 -24.14
C ARG A 60 -3.61 13.72 -25.23
N GLU A 61 -3.30 14.21 -26.45
CA GLU A 61 -3.08 13.36 -27.61
C GLU A 61 -1.63 13.51 -28.05
N PHE A 62 -1.00 12.38 -28.43
CA PHE A 62 0.43 12.34 -28.71
C PHE A 62 0.70 11.97 -30.17
N ILE A 63 -0.20 11.22 -30.82
CA ILE A 63 0.02 10.79 -32.20
C ILE A 63 -0.81 11.65 -33.15
N GLN A 64 -2.10 11.79 -32.86
CA GLN A 64 -3.09 12.14 -33.86
C GLN A 64 -3.27 13.66 -33.95
N GLU A 65 -3.09 14.19 -35.17
CA GLU A 65 -3.45 15.58 -35.48
C GLU A 65 -4.96 15.65 -35.68
N PRO A 66 -5.63 16.78 -35.36
CA PRO A 66 -4.96 18.00 -34.89
C PRO A 66 -4.71 18.12 -33.39
N ALA A 67 -5.33 17.23 -32.60
CA ALA A 67 -5.39 17.34 -31.15
C ALA A 67 -4.01 17.37 -30.50
N LYS A 68 -3.00 16.77 -31.14
CA LYS A 68 -1.67 16.69 -30.56
C LYS A 68 -1.01 18.07 -30.50
N ASN A 69 -1.43 18.98 -31.38
CA ASN A 69 -0.82 20.30 -31.48
C ASN A 69 -1.54 21.29 -30.57
N ARG A 70 -2.38 20.78 -29.65
CA ARG A 70 -3.03 21.61 -28.66
C ARG A 70 -2.02 22.58 -28.06
N PRO A 71 -2.18 23.91 -28.26
CA PRO A 71 -1.27 24.89 -27.66
C PRO A 71 -1.13 24.65 -26.16
N GLY A 72 0.11 24.77 -25.67
CA GLY A 72 0.37 24.74 -24.24
C GLY A 72 -0.18 26.01 -23.57
N PRO A 73 0.05 26.22 -22.25
CA PRO A 73 0.72 25.25 -21.39
C PRO A 73 -0.07 23.98 -21.12
N GLN A 74 0.64 22.87 -20.93
CA GLN A 74 0.01 21.57 -20.74
C GLN A 74 -0.40 21.38 -19.28
N THR A 75 0.16 22.18 -18.36
CA THR A 75 -0.28 22.17 -16.97
C THR A 75 0.24 23.40 -16.24
N ARG A 76 0.17 23.34 -14.90
CA ARG A 76 0.60 24.41 -14.01
C ARG A 76 2.13 24.51 -13.96
N SER A 77 2.60 25.65 -13.42
CA SER A 77 4.02 25.98 -13.38
C SER A 77 4.65 25.52 -12.06
N ASP A 78 5.93 25.13 -12.16
CA ASP A 78 6.73 24.72 -11.01
C ASP A 78 6.99 25.90 -10.07
N LEU A 79 6.88 27.13 -10.61
CA LEU A 79 7.17 28.34 -9.86
C LEU A 79 6.10 28.62 -8.81
N LEU A 80 5.00 27.85 -8.82
CA LEU A 80 3.88 28.11 -7.93
C LEU A 80 4.17 27.61 -6.51
N LEU A 81 5.25 26.83 -6.33
CA LEU A 81 5.67 26.40 -5.01
C LEU A 81 7.20 26.46 -4.93
N SER A 82 7.70 26.58 -3.69
CA SER A 82 9.12 26.46 -3.41
C SER A 82 9.56 25.02 -3.65
N GLY A 83 10.80 24.86 -4.12
CA GLY A 83 11.42 23.55 -4.24
C GLY A 83 11.24 22.76 -2.93
N ARG A 84 11.40 23.46 -1.80
CA ARG A 84 11.22 22.89 -0.48
C ARG A 84 9.89 22.17 -0.38
N ASP A 85 8.82 22.80 -0.88
CA ASP A 85 7.47 22.29 -0.75
C ASP A 85 7.26 21.08 -1.67
N TRP A 86 7.64 21.24 -2.94
CA TRP A 86 7.57 20.16 -3.91
C TRP A 86 8.20 18.88 -3.33
N ASN A 87 9.38 19.03 -2.72
CA ASN A 87 10.19 17.90 -2.26
C ASN A 87 9.58 17.21 -1.03
N THR A 88 8.79 17.94 -0.24
CA THR A 88 8.41 17.45 1.08
C THR A 88 6.90 17.28 1.22
N LEU A 89 6.11 18.06 0.46
CA LEU A 89 4.69 18.22 0.77
C LEU A 89 3.80 17.60 -0.31
N ILE A 90 4.30 17.46 -1.54
CA ILE A 90 3.43 17.14 -2.66
C ILE A 90 3.73 15.73 -3.16
N VAL A 91 2.73 14.85 -3.00
CA VAL A 91 2.74 13.53 -3.63
C VAL A 91 1.94 13.64 -4.93
N GLY A 92 2.58 13.27 -6.05
CA GLY A 92 1.94 13.30 -7.35
C GLY A 92 0.97 12.13 -7.51
N LYS A 93 0.09 12.23 -8.51
CA LYS A 93 -0.88 11.19 -8.80
C LYS A 93 -1.04 11.04 -10.31
N LEU A 94 -0.93 9.81 -10.81
CA LEU A 94 -1.14 9.55 -12.23
C LEU A 94 -2.57 9.95 -12.59
N SER A 95 -2.74 10.56 -13.78
CA SER A 95 -4.06 10.95 -14.22
C SER A 95 -4.90 9.71 -14.51
N PRO A 96 -6.18 9.68 -14.07
CA PRO A 96 -6.99 8.45 -14.10
C PRO A 96 -7.32 7.90 -15.49
N TRP A 97 -7.18 8.74 -16.52
CA TRP A 97 -7.51 8.35 -17.88
C TRP A 97 -6.38 7.55 -18.54
N ILE A 98 -5.20 7.53 -17.89
CA ILE A 98 -4.02 6.88 -18.46
C ILE A 98 -4.13 5.38 -18.24
N ARG A 99 -4.24 4.62 -19.34
CA ARG A 99 -4.48 3.18 -19.29
C ARG A 99 -3.48 2.46 -20.17
N PRO A 100 -2.26 2.17 -19.66
CA PRO A 100 -1.21 1.50 -20.44
C PRO A 100 -1.49 0.08 -20.91
N ASP A 101 -2.48 -0.58 -20.30
CA ASP A 101 -2.81 -1.96 -20.62
C ASP A 101 -4.19 -2.05 -21.25
N SER A 102 -4.68 -0.91 -21.77
CA SER A 102 -5.91 -0.88 -22.57
C SER A 102 -5.86 -1.93 -23.67
N LYS A 103 -7.04 -2.49 -23.97
CA LYS A 103 -7.20 -3.47 -25.04
C LYS A 103 -7.13 -2.78 -26.40
N VAL A 104 -7.30 -1.45 -26.42
CA VAL A 104 -7.24 -0.67 -27.64
C VAL A 104 -5.82 -0.17 -27.84
N GLU A 105 -5.21 -0.59 -28.95
CA GLU A 105 -3.81 -0.29 -29.25
C GLU A 105 -3.57 1.22 -29.17
N LYS A 106 -4.44 1.99 -29.83
CA LYS A 106 -4.38 3.45 -29.83
C LYS A 106 -4.19 3.98 -28.41
N ILE A 107 -5.10 3.58 -27.51
CA ILE A 107 -5.13 4.09 -26.15
C ILE A 107 -3.87 3.65 -25.41
N ARG A 108 -3.45 2.41 -25.67
N ARG A 108 -3.44 2.41 -25.65
CA ARG A 108 -2.26 1.83 -25.07
CA ARG A 108 -2.26 1.85 -25.04
C ARG A 108 -1.05 2.71 -25.38
C ARG A 108 -1.04 2.71 -25.38
N ARG A 109 -0.83 2.95 -26.68
CA ARG A 109 0.27 3.77 -27.16
C ARG A 109 0.22 5.18 -26.56
N ASN A 110 -0.97 5.76 -26.50
CA ASN A 110 -1.14 7.13 -26.05
C ASN A 110 -0.84 7.22 -24.56
N SER A 111 -1.35 6.24 -23.80
CA SER A 111 -1.20 6.20 -22.35
C SER A 111 0.26 5.99 -21.98
N GLU A 112 0.97 5.18 -22.77
CA GLU A 112 2.40 4.99 -22.58
C GLU A 112 3.09 6.36 -22.51
N ALA A 113 2.89 7.16 -23.57
CA ALA A 113 3.52 8.47 -23.69
C ALA A 113 3.08 9.40 -22.55
N ALA A 114 1.80 9.33 -22.18
CA ALA A 114 1.23 10.18 -21.15
C ALA A 114 1.84 9.86 -19.79
N MET A 115 2.00 8.56 -19.51
CA MET A 115 2.54 8.09 -18.23
C MET A 115 3.98 8.57 -18.07
N LEU A 116 4.81 8.33 -19.10
CA LEU A 116 6.18 8.81 -19.12
C LEU A 116 6.20 10.31 -18.83
N GLN A 117 5.30 11.05 -19.50
CA GLN A 117 5.23 12.49 -19.38
C GLN A 117 4.99 12.88 -17.92
N GLU A 118 3.94 12.31 -17.32
CA GLU A 118 3.54 12.68 -15.97
C GLU A 118 4.63 12.29 -14.97
N LEU A 119 5.26 11.14 -15.20
CA LEU A 119 6.32 10.65 -14.32
C LEU A 119 7.51 11.59 -14.36
N ASN A 120 7.94 11.97 -15.57
CA ASN A 120 9.09 12.84 -15.74
C ASN A 120 8.82 14.21 -15.12
N PHE A 121 7.57 14.68 -15.19
CA PHE A 121 7.23 15.96 -14.58
C PHE A 121 7.38 15.83 -13.06
N GLY A 122 6.86 14.74 -12.49
CA GLY A 122 7.06 14.45 -11.08
C GLY A 122 8.55 14.51 -10.71
N ALA A 123 9.39 13.88 -11.54
CA ALA A 123 10.82 13.85 -11.30
C ALA A 123 11.40 15.26 -11.40
N TYR A 124 10.97 16.00 -12.43
CA TYR A 124 11.38 17.38 -12.64
C TYR A 124 11.11 18.23 -11.41
N LEU A 125 9.94 18.05 -10.78
CA LEU A 125 9.54 18.81 -9.62
C LEU A 125 10.27 18.32 -8.37
N GLY A 126 10.77 17.07 -8.42
CA GLY A 126 11.49 16.48 -7.30
C GLY A 126 10.53 15.98 -6.21
N LEU A 127 9.38 15.44 -6.62
CA LEU A 127 8.38 14.96 -5.68
C LEU A 127 8.94 13.74 -4.94
N PRO A 128 8.69 13.61 -3.61
CA PRO A 128 9.22 12.49 -2.84
C PRO A 128 8.51 11.16 -3.05
N ALA A 129 7.33 11.20 -3.68
CA ALA A 129 6.57 10.01 -3.98
C ALA A 129 5.51 10.32 -5.05
N PHE A 130 5.06 9.28 -5.76
CA PHE A 130 4.10 9.41 -6.84
C PHE A 130 3.20 8.18 -6.83
N LEU A 131 1.89 8.40 -7.06
CA LEU A 131 0.89 7.35 -6.92
C LEU A 131 0.49 6.80 -8.28
N LEU A 132 0.49 5.47 -8.40
CA LEU A 132 -0.08 4.79 -9.54
C LEU A 132 -1.01 3.69 -9.04
N PRO A 133 -2.22 3.54 -9.63
CA PRO A 133 -3.16 2.49 -9.19
C PRO A 133 -2.95 1.10 -9.79
N LEU A 134 -3.26 0.07 -8.98
CA LEU A 134 -3.49 -1.26 -9.51
C LEU A 134 -4.99 -1.56 -9.38
N ASN A 135 -5.68 -1.55 -10.52
CA ASN A 135 -7.13 -1.60 -10.59
C ASN A 135 -7.61 -2.91 -11.22
N GLN A 136 -6.67 -3.71 -11.72
CA GLN A 136 -7.01 -4.93 -12.43
C GLN A 136 -5.83 -5.90 -12.32
N GLU A 137 -6.00 -7.09 -12.90
CA GLU A 137 -5.00 -8.14 -12.81
C GLU A 137 -3.79 -7.78 -13.67
N ASP A 138 -4.04 -7.34 -14.91
CA ASP A 138 -2.98 -7.16 -15.88
C ASP A 138 -2.48 -5.72 -15.85
N ASN A 139 -1.23 -5.54 -15.41
CA ASN A 139 -0.60 -4.23 -15.39
C ASN A 139 0.80 -4.35 -15.99
N THR A 140 0.94 -5.26 -16.96
CA THR A 140 2.22 -5.65 -17.51
C THR A 140 2.89 -4.47 -18.19
N ASN A 141 2.17 -3.85 -19.13
CA ASN A 141 2.72 -2.77 -19.93
C ASN A 141 2.93 -1.54 -19.05
N LEU A 142 2.09 -1.39 -18.00
CA LEU A 142 2.26 -0.34 -17.02
C LEU A 142 3.60 -0.50 -16.31
N ALA A 143 3.90 -1.75 -15.90
CA ALA A 143 5.15 -2.05 -15.20
C ALA A 143 6.35 -1.75 -16.09
N ARG A 144 6.25 -2.14 -17.35
CA ARG A 144 7.32 -1.98 -18.32
C ARG A 144 7.70 -0.50 -18.43
N VAL A 145 6.68 0.35 -18.49
CA VAL A 145 6.90 1.79 -18.60
C VAL A 145 7.55 2.28 -17.30
N LEU A 146 6.98 1.90 -16.15
CA LEU A 146 7.52 2.34 -14.88
C LEU A 146 8.99 1.91 -14.76
N THR A 147 9.25 0.63 -15.03
CA THR A 147 10.59 0.06 -14.93
C THR A 147 11.58 0.90 -15.74
N ASN A 148 11.16 1.29 -16.94
CA ASN A 148 12.04 2.02 -17.84
C ASN A 148 12.34 3.39 -17.24
N HIS A 149 11.32 4.03 -16.66
CA HIS A 149 11.48 5.32 -16.03
C HIS A 149 12.42 5.20 -14.83
N ILE A 150 12.25 4.14 -14.03
CA ILE A 150 13.12 3.88 -12.90
C ILE A 150 14.57 3.85 -13.37
N HIS A 151 14.83 3.20 -14.52
CA HIS A 151 16.18 3.06 -15.04
C HIS A 151 16.50 4.17 -16.03
N THR A 152 16.23 5.43 -15.64
CA THR A 152 16.41 6.57 -16.54
C THR A 152 16.47 7.85 -15.71
N GLY A 153 17.66 8.45 -15.64
CA GLY A 153 17.88 9.70 -14.92
C GLY A 153 18.83 9.51 -13.75
N HIS A 155 17.04 8.28 -9.27
CA HIS A 155 16.72 9.19 -8.13
C HIS A 155 16.27 8.30 -6.97
N SER A 156 15.98 8.90 -5.80
CA SER A 156 15.48 8.12 -4.68
C SER A 156 13.96 8.33 -4.53
N SER A 157 13.33 8.88 -5.58
CA SER A 157 11.89 9.04 -5.63
C SER A 157 11.21 7.68 -5.46
N MET A 158 10.03 7.71 -4.83
CA MET A 158 9.30 6.49 -4.49
C MET A 158 8.02 6.42 -5.32
N PHE A 159 7.59 5.19 -5.62
CA PHE A 159 6.32 4.97 -6.30
C PHE A 159 5.40 4.21 -5.36
N TRP A 160 4.23 4.79 -5.11
CA TRP A 160 3.21 4.17 -4.27
C TRP A 160 2.13 3.56 -5.17
N MET A 161 2.06 2.23 -5.17
CA MET A 161 1.03 1.53 -5.92
C MET A 161 -0.23 1.46 -5.06
N ARG A 162 -1.29 2.12 -5.55
CA ARG A 162 -2.59 2.11 -4.89
C ARG A 162 -3.26 0.76 -5.17
N VAL A 163 -3.42 -0.03 -4.10
CA VAL A 163 -3.99 -1.36 -4.22
C VAL A 163 -5.16 -1.45 -3.26
N PRO A 164 -6.35 -1.88 -3.73
CA PRO A 164 -7.47 -2.13 -2.83
C PRO A 164 -7.28 -3.45 -2.08
N LEU A 165 -7.46 -3.39 -0.77
CA LEU A 165 -7.54 -4.58 0.07
C LEU A 165 -8.58 -5.55 -0.49
N VAL A 166 -9.66 -4.98 -1.04
CA VAL A 166 -10.76 -5.74 -1.63
C VAL A 166 -11.10 -5.07 -2.97
N ALA A 167 -10.95 -5.83 -4.06
CA ALA A 167 -11.20 -5.30 -5.39
C ALA A 167 -12.61 -4.74 -5.47
N PRO A 168 -12.84 -3.63 -6.22
CA PRO A 168 -14.16 -3.00 -6.29
C PRO A 168 -15.28 -3.96 -6.67
N GLU A 169 -14.97 -4.85 -7.62
CA GLU A 169 -15.91 -5.84 -8.13
C GLU A 169 -16.45 -6.73 -7.02
N ASP A 170 -15.66 -6.91 -5.94
CA ASP A 170 -15.99 -7.85 -4.87
C ASP A 170 -16.59 -7.13 -3.67
N LEU A 171 -16.89 -5.83 -3.80
CA LEU A 171 -17.55 -5.10 -2.74
C LEU A 171 -18.71 -4.27 -3.29
N ARG A 172 -19.12 -4.55 -4.54
CA ARG A 172 -20.22 -3.83 -5.14
C ARG A 172 -21.50 -4.23 -4.42
N ASP A 173 -22.50 -3.34 -4.46
CA ASP A 173 -23.85 -3.65 -4.00
C ASP A 173 -24.43 -4.75 -4.90
N ASP A 174 -25.15 -5.68 -4.27
CA ASP A 174 -25.81 -6.77 -4.97
C ASP A 174 -27.16 -6.27 -5.47
N ILE A 175 -27.13 -5.41 -6.49
CA ILE A 175 -28.32 -4.74 -7.00
C ILE A 175 -28.42 -4.91 -8.52
N ILE A 176 -27.51 -5.67 -9.13
CA ILE A 176 -27.73 -6.14 -10.48
C ILE A 176 -28.48 -7.45 -10.37
N GLU A 177 -29.73 -7.46 -10.85
CA GLU A 177 -30.65 -8.55 -10.59
C GLU A 177 -30.26 -9.77 -11.44
N ASN A 178 -29.62 -9.54 -12.58
CA ASN A 178 -29.19 -10.61 -13.47
C ASN A 178 -27.67 -10.82 -13.39
N ALA A 179 -27.04 -10.33 -12.32
CA ALA A 179 -25.62 -10.58 -12.08
C ALA A 179 -25.36 -10.56 -10.57
N PRO A 180 -25.84 -11.58 -9.83
CA PRO A 180 -25.73 -11.57 -8.37
C PRO A 180 -24.27 -11.65 -7.93
N THR A 181 -23.98 -11.01 -6.79
CA THR A 181 -22.67 -11.13 -6.17
C THR A 181 -22.58 -12.53 -5.58
N THR A 182 -21.39 -13.15 -5.69
CA THR A 182 -21.19 -14.51 -5.22
C THR A 182 -21.49 -14.57 -3.72
N HIS A 183 -21.81 -15.77 -3.23
CA HIS A 183 -22.01 -16.00 -1.81
C HIS A 183 -21.30 -17.28 -1.36
N THR A 184 -20.49 -17.89 -2.25
CA THR A 184 -19.55 -18.92 -1.85
C THR A 184 -18.18 -18.27 -1.69
N GLU A 185 -17.48 -18.67 -0.62
CA GLU A 185 -16.11 -18.26 -0.37
C GLU A 185 -15.20 -18.88 -1.42
N GLU A 186 -14.38 -18.04 -2.07
CA GLU A 186 -13.16 -18.51 -2.70
C GLU A 186 -11.98 -17.99 -1.89
N TYR A 187 -11.20 -18.90 -1.32
CA TYR A 187 -10.12 -18.55 -0.43
C TYR A 187 -9.10 -17.68 -1.16
N SER A 188 -8.63 -18.19 -2.31
CA SER A 188 -7.60 -17.52 -3.10
C SER A 188 -8.20 -16.35 -3.88
N GLY A 189 -9.45 -16.51 -4.34
CA GLY A 189 -10.16 -15.45 -5.03
C GLY A 189 -10.24 -14.18 -4.19
N GLU A 190 -10.44 -14.34 -2.88
CA GLU A 190 -10.55 -13.21 -1.97
C GLU A 190 -9.20 -12.53 -1.75
N GLU A 191 -8.12 -13.10 -2.31
CA GLU A 191 -6.77 -12.57 -2.14
C GLU A 191 -6.21 -12.04 -3.47
N LYS A 192 -7.09 -11.74 -4.43
CA LYS A 192 -6.66 -11.48 -5.80
C LYS A 192 -5.86 -10.18 -5.88
N THR A 193 -6.12 -9.22 -4.99
CA THR A 193 -5.49 -7.92 -5.08
C THR A 193 -4.03 -8.02 -4.65
N TRP A 194 -3.73 -8.93 -3.72
CA TRP A 194 -2.34 -9.21 -3.37
C TRP A 194 -1.58 -9.73 -4.60
N MET A 195 -2.26 -10.56 -5.42
N MET A 195 -2.26 -10.57 -5.40
CA MET A 195 -1.63 -11.14 -6.59
CA MET A 195 -1.68 -11.16 -6.60
C MET A 195 -1.43 -10.09 -7.67
C MET A 195 -1.42 -10.07 -7.64
N TRP A 196 -2.32 -9.07 -7.71
CA TRP A 196 -2.13 -7.92 -8.58
C TRP A 196 -0.79 -7.24 -8.26
N TRP A 197 -0.59 -6.99 -6.96
CA TRP A 197 0.61 -6.37 -6.45
C TRP A 197 1.82 -7.28 -6.66
N HIS A 198 1.67 -8.56 -6.33
CA HIS A 198 2.78 -9.49 -6.38
C HIS A 198 3.35 -9.58 -7.79
N ASN A 199 2.47 -9.81 -8.76
CA ASN A 199 2.86 -9.89 -10.16
C ASN A 199 3.58 -8.60 -10.57
N PHE A 200 3.02 -7.47 -10.16
CA PHE A 200 3.52 -6.17 -10.56
C PHE A 200 4.97 -5.98 -10.09
N ARG A 201 5.20 -6.23 -8.80
N ARG A 201 5.19 -6.22 -8.79
CA ARG A 201 6.50 -5.99 -8.20
CA ARG A 201 6.50 -6.00 -8.19
C ARG A 201 7.51 -7.05 -8.67
C ARG A 201 7.49 -7.05 -8.69
N THR A 202 7.01 -8.23 -9.06
CA THR A 202 7.86 -9.26 -9.63
C THR A 202 8.32 -8.83 -11.01
N LEU A 203 7.37 -8.39 -11.84
CA LEU A 203 7.68 -7.84 -13.15
C LEU A 203 8.74 -6.73 -13.03
N CYS A 204 8.63 -5.90 -11.99
CA CYS A 204 9.51 -4.74 -11.81
C CYS A 204 10.80 -5.10 -11.07
N ASP A 205 11.03 -6.39 -10.82
CA ASP A 205 12.31 -6.89 -10.33
C ASP A 205 12.56 -6.39 -8.90
N TYR A 206 11.47 -6.26 -8.13
CA TYR A 206 11.56 -5.94 -6.71
C TYR A 206 12.32 -4.63 -6.51
N SER A 207 12.06 -3.63 -7.35
CA SER A 207 12.64 -2.32 -7.15
C SER A 207 12.30 -1.84 -5.74
N LYS A 208 13.29 -1.30 -5.03
CA LYS A 208 13.08 -0.75 -3.70
C LYS A 208 12.38 0.60 -3.76
N ARG A 209 12.22 1.14 -4.97
N ARG A 209 12.22 1.16 -4.96
CA ARG A 209 11.53 2.41 -5.18
CA ARG A 209 11.52 2.43 -5.13
C ARG A 209 10.02 2.20 -5.37
C ARG A 209 10.05 2.18 -5.49
N ILE A 210 9.54 0.96 -5.24
CA ILE A 210 8.15 0.64 -5.46
C ILE A 210 7.56 0.05 -4.17
N ALA A 211 6.56 0.76 -3.62
CA ALA A 211 5.91 0.36 -2.38
C ALA A 211 4.40 0.40 -2.55
N VAL A 212 3.68 0.04 -1.47
CA VAL A 212 2.23 -0.09 -1.50
C VAL A 212 1.57 1.08 -0.76
N ALA A 213 0.50 1.61 -1.37
CA ALA A 213 -0.49 2.42 -0.67
C ALA A 213 -1.78 1.63 -0.59
N LEU A 214 -2.02 0.99 0.56
CA LEU A 214 -3.09 0.01 0.69
C LEU A 214 -4.40 0.74 0.99
N GLU A 215 -5.42 0.48 0.16
CA GLU A 215 -6.67 1.20 0.25
C GLU A 215 -7.72 0.36 0.99
N ILE A 216 -8.36 0.98 1.99
CA ILE A 216 -9.23 0.30 2.94
C ILE A 216 -10.67 0.71 2.67
N GLY A 217 -11.57 -0.28 2.61
CA GLY A 217 -12.98 -0.06 2.32
C GLY A 217 -13.85 -0.27 3.56
N ALA A 218 -15.16 -0.09 3.37
CA ALA A 218 -16.12 -0.12 4.46
C ALA A 218 -16.22 -1.52 5.06
N ASP A 219 -16.28 -2.54 4.20
CA ASP A 219 -16.34 -3.92 4.66
C ASP A 219 -14.97 -4.56 4.51
N LEU A 220 -14.43 -5.07 5.63
CA LEU A 220 -13.12 -5.69 5.65
C LEU A 220 -13.25 -7.16 5.28
N PRO A 221 -12.26 -7.74 4.58
CA PRO A 221 -12.27 -9.17 4.24
C PRO A 221 -11.82 -10.04 5.41
N SER A 222 -11.68 -11.35 5.13
CA SER A 222 -11.23 -12.31 6.12
C SER A 222 -9.79 -11.99 6.54
N ASN A 223 -9.44 -12.36 7.78
CA ASN A 223 -8.14 -12.06 8.34
C ASN A 223 -7.02 -12.59 7.45
N HIS A 224 -7.27 -13.72 6.78
CA HIS A 224 -6.27 -14.31 5.91
C HIS A 224 -5.92 -13.31 4.81
N VAL A 225 -6.94 -12.64 4.27
CA VAL A 225 -6.79 -11.69 3.19
C VAL A 225 -5.94 -10.50 3.66
N ILE A 226 -6.02 -10.18 4.96
CA ILE A 226 -5.29 -9.07 5.53
C ILE A 226 -3.87 -9.50 5.89
N ASP A 227 -3.75 -10.68 6.50
CA ASP A 227 -2.45 -11.23 6.87
C ASP A 227 -1.61 -11.46 5.62
N ARG A 228 -2.27 -11.48 4.46
CA ARG A 228 -1.60 -11.67 3.19
C ARG A 228 -0.62 -10.52 2.93
N TRP A 229 -0.86 -9.37 3.58
CA TRP A 229 -0.07 -8.17 3.36
C TRP A 229 1.04 -8.02 4.40
N LEU A 230 1.16 -8.99 5.31
CA LEU A 230 2.25 -9.03 6.26
C LEU A 230 3.57 -9.23 5.49
N GLY A 231 4.57 -8.42 5.85
CA GLY A 231 5.90 -8.53 5.25
C GLY A 231 6.04 -7.72 3.96
N GLU A 232 4.94 -7.10 3.51
CA GLU A 232 4.95 -6.32 2.27
C GLU A 232 5.32 -4.87 2.59
N PRO A 233 5.98 -4.15 1.64
CA PRO A 233 6.39 -2.77 1.88
C PRO A 233 5.23 -1.78 1.81
N ILE A 234 4.47 -1.71 2.90
CA ILE A 234 3.36 -0.77 3.01
C ILE A 234 3.90 0.55 3.54
N LYS A 235 3.90 1.57 2.66
CA LYS A 235 4.36 2.90 3.00
C LYS A 235 3.19 3.80 3.39
N ALA A 236 1.99 3.48 2.88
CA ALA A 236 0.81 4.29 3.15
C ALA A 236 -0.43 3.41 3.26
N ALA A 237 -1.40 3.90 4.05
CA ALA A 237 -2.73 3.30 4.14
C ALA A 237 -3.76 4.37 3.81
N ILE A 238 -4.66 4.07 2.87
CA ILE A 238 -5.63 5.05 2.39
C ILE A 238 -6.98 4.78 3.04
N LEU A 239 -7.53 5.83 3.67
CA LEU A 239 -8.78 5.77 4.40
C LEU A 239 -9.80 6.69 3.74
N PRO A 240 -10.84 6.16 3.05
CA PRO A 240 -11.94 6.99 2.59
C PRO A 240 -12.76 7.52 3.77
N THR A 241 -13.33 8.71 3.61
CA THR A 241 -14.20 9.30 4.62
C THR A 241 -15.42 8.40 4.83
N SER A 242 -15.90 7.77 3.76
CA SER A 242 -17.11 6.97 3.78
C SER A 242 -17.05 5.84 4.83
N ILE A 243 -15.85 5.34 5.15
CA ILE A 243 -15.72 4.16 6.00
C ILE A 243 -15.84 4.53 7.48
N PHE A 244 -16.15 5.79 7.79
CA PHE A 244 -16.22 6.26 9.15
C PHE A 244 -17.66 6.27 9.64
N LEU A 245 -17.93 5.47 10.68
CA LEU A 245 -19.18 5.53 11.42
C LEU A 245 -19.30 6.90 12.08
N THR A 246 -20.53 7.26 12.48
CA THR A 246 -20.76 8.47 13.27
C THR A 246 -21.16 8.03 14.69
N ASN A 247 -20.59 8.72 15.69
CA ASN A 247 -20.93 8.46 17.09
C ASN A 247 -22.13 9.33 17.45
N LYS A 248 -22.50 9.31 18.73
CA LYS A 248 -23.70 10.00 19.20
C LYS A 248 -23.48 11.51 19.16
N LYS A 249 -22.31 11.98 19.62
CA LYS A 249 -21.96 13.38 19.54
C LYS A 249 -22.19 13.89 18.12
N GLY A 250 -21.74 13.11 17.13
CA GLY A 250 -21.77 13.50 15.73
C GLY A 250 -20.40 13.42 15.07
N PHE A 251 -19.36 13.05 15.86
CA PHE A 251 -18.01 12.91 15.37
C PHE A 251 -17.89 11.69 14.46
N PRO A 252 -16.84 11.61 13.61
CA PRO A 252 -16.54 10.40 12.84
C PRO A 252 -15.68 9.44 13.66
N VAL A 253 -15.98 8.14 13.56
CA VAL A 253 -15.23 7.10 14.25
C VAL A 253 -15.10 5.89 13.33
N LEU A 254 -14.49 4.81 13.84
CA LEU A 254 -14.34 3.58 13.09
C LEU A 254 -14.84 2.41 13.93
N SER A 255 -15.28 1.34 13.24
CA SER A 255 -15.62 0.08 13.89
C SER A 255 -14.38 -0.47 14.59
N LYS A 256 -14.60 -1.34 15.57
CA LYS A 256 -13.53 -1.96 16.32
C LYS A 256 -12.60 -2.75 15.40
N MET A 257 -13.18 -3.38 14.36
CA MET A 257 -12.40 -4.16 13.41
C MET A 257 -11.46 -3.25 12.62
N HIS A 258 -11.96 -2.08 12.19
CA HIS A 258 -11.13 -1.10 11.50
C HIS A 258 -10.02 -0.62 12.42
N GLN A 259 -10.31 -0.53 13.73
CA GLN A 259 -9.34 -0.08 14.71
C GLN A 259 -8.20 -1.09 14.83
N ARG A 260 -8.52 -2.38 14.97
CA ARG A 260 -7.52 -3.43 15.02
C ARG A 260 -6.50 -3.24 13.90
N LEU A 261 -7.00 -2.94 12.70
CA LEU A 261 -6.17 -2.79 11.52
C LEU A 261 -5.28 -1.56 11.66
N ILE A 262 -5.84 -0.47 12.19
CA ILE A 262 -5.09 0.77 12.36
C ILE A 262 -3.91 0.54 13.31
N PHE A 263 -4.14 -0.21 14.40
CA PHE A 263 -3.10 -0.46 15.38
C PHE A 263 -2.02 -1.32 14.76
N ARG A 264 -2.40 -2.30 13.94
CA ARG A 264 -1.45 -3.11 13.18
C ARG A 264 -0.61 -2.19 12.29
N LEU A 265 -1.27 -1.22 11.64
CA LEU A 265 -0.62 -0.31 10.71
C LEU A 265 0.28 0.69 11.43
N LEU A 266 -0.01 0.97 12.71
CA LEU A 266 0.78 1.91 13.48
C LEU A 266 2.10 1.28 13.91
N LYS A 267 2.15 -0.05 13.99
CA LYS A 267 3.41 -0.75 14.22
C LYS A 267 4.34 -0.56 13.01
N LEU A 268 3.74 -0.55 11.82
CA LEU A 268 4.51 -0.42 10.58
C LEU A 268 4.75 1.05 10.25
N GLU A 269 4.25 1.95 11.11
CA GLU A 269 4.57 3.37 11.00
C GLU A 269 4.34 3.84 9.57
N VAL A 270 3.17 3.50 9.03
CA VAL A 270 2.81 3.91 7.67
C VAL A 270 2.30 5.34 7.76
N GLN A 271 2.24 6.02 6.61
CA GLN A 271 1.60 7.32 6.54
C GLN A 271 0.14 7.09 6.16
N PHE A 272 -0.78 7.70 6.92
CA PHE A 272 -2.20 7.55 6.65
C PHE A 272 -2.64 8.65 5.68
N ILE A 273 -3.43 8.25 4.69
CA ILE A 273 -3.94 9.15 3.67
C ILE A 273 -5.46 9.18 3.77
N ILE A 274 -6.02 10.39 3.89
CA ILE A 274 -7.46 10.58 3.95
C ILE A 274 -7.93 11.03 2.58
N THR A 275 -8.94 10.33 2.04
CA THR A 275 -9.49 10.62 0.73
C THR A 275 -11.01 10.75 0.84
N GLY A 276 -11.62 11.45 -0.13
CA GLY A 276 -13.06 11.63 -0.17
C GLY A 276 -13.50 12.96 0.43
N THR A 277 -14.73 13.37 0.13
CA THR A 277 -15.29 14.62 0.64
C THR A 277 -15.74 14.42 2.08
N ASN A 278 -16.09 15.54 2.73
CA ASN A 278 -16.56 15.52 4.12
C ASN A 278 -18.03 15.15 4.15
N HIS A 279 -18.34 14.01 4.79
CA HIS A 279 -19.71 13.55 4.98
C HIS A 279 -20.22 14.02 6.34
N HIS A 280 -19.29 14.22 7.29
CA HIS A 280 -19.59 14.86 8.56
C HIS A 280 -19.40 16.37 8.41
N SER A 281 -20.38 17.03 7.78
CA SER A 281 -20.25 18.43 7.39
C SER A 281 -20.45 19.37 8.58
N GLU A 282 -21.16 18.91 9.62
CA GLU A 282 -21.31 19.71 10.84
C GLU A 282 -19.98 19.71 11.58
N LYS A 283 -19.23 18.60 11.48
CA LYS A 283 -17.88 18.51 12.02
C LYS A 283 -16.88 18.93 10.96
N GLU A 284 -15.62 19.14 11.38
CA GLU A 284 -14.57 19.62 10.52
C GLU A 284 -13.87 18.42 9.86
N PHE A 285 -12.87 18.71 9.03
CA PHE A 285 -12.11 17.67 8.35
C PHE A 285 -10.89 17.28 9.19
N CYS A 286 -10.58 18.10 10.21
CA CYS A 286 -9.57 17.75 11.19
C CYS A 286 -10.15 16.74 12.18
N SER A 287 -11.48 16.59 12.19
CA SER A 287 -12.16 15.66 13.08
C SER A 287 -11.84 14.21 12.69
N TYR A 288 -11.71 13.95 11.39
CA TYR A 288 -11.27 12.65 10.89
C TYR A 288 -9.85 12.39 11.40
N LEU A 289 -8.96 13.36 11.15
CA LEU A 289 -7.55 13.23 11.48
C LEU A 289 -7.36 13.14 12.99
N GLN A 290 -8.24 13.83 13.74
CA GLN A 290 -8.21 13.79 15.20
C GLN A 290 -8.48 12.38 15.70
N TYR A 291 -9.36 11.65 14.99
CA TYR A 291 -9.68 10.29 15.39
C TYR A 291 -8.43 9.43 15.32
N LEU A 292 -7.60 9.63 14.28
CA LEU A 292 -6.37 8.88 14.10
C LEU A 292 -5.39 9.25 15.22
N GLU A 293 -5.13 10.55 15.35
CA GLU A 293 -4.27 11.06 16.41
C GLU A 293 -4.72 10.44 17.74
N TYR A 294 -6.04 10.38 17.95
CA TYR A 294 -6.62 9.84 19.18
C TYR A 294 -6.21 8.39 19.34
N LEU A 295 -6.44 7.56 18.31
CA LEU A 295 -6.12 6.14 18.38
C LEU A 295 -4.64 5.94 18.63
N SER A 296 -3.81 6.85 18.11
CA SER A 296 -2.36 6.70 18.08
C SER A 296 -1.75 6.72 19.48
N GLN A 297 -2.28 7.56 20.38
CA GLN A 297 -1.86 7.55 21.77
C GLN A 297 -2.58 6.44 22.52
N ASN A 298 -3.82 6.15 22.09
CA ASN A 298 -4.61 5.08 22.67
C ASN A 298 -4.05 3.71 22.30
N ARG A 299 -2.95 3.69 21.52
CA ARG A 299 -2.27 2.45 21.21
C ARG A 299 -1.83 1.79 22.52
N PRO A 300 -2.03 0.46 22.68
CA PRO A 300 -1.65 -0.22 23.92
C PRO A 300 -0.17 -0.02 24.22
N PRO A 301 0.20 0.38 25.47
CA PRO A 301 1.59 0.67 25.82
C PRO A 301 2.61 -0.35 25.32
N PRO A 302 3.80 0.08 24.86
CA PRO A 302 4.83 -0.84 24.37
C PRO A 302 5.47 -1.64 25.51
N ASN A 303 5.68 -2.94 25.27
CA ASN A 303 6.19 -3.85 26.29
C ASN A 303 7.67 -3.58 26.52
N ALA A 304 8.31 -4.39 27.38
CA ALA A 304 9.67 -4.14 27.84
C ALA A 304 10.67 -4.40 26.72
N TYR A 305 10.46 -5.48 25.96
CA TYR A 305 11.29 -5.78 24.79
C TYR A 305 11.09 -4.68 23.75
N GLU A 306 9.85 -4.19 23.63
CA GLU A 306 9.57 -2.99 22.87
C GLU A 306 10.14 -1.79 23.62
N LEU A 307 10.35 -0.69 22.90
CA LEU A 307 11.15 0.42 23.39
C LEU A 307 12.63 0.04 23.34
N PHE A 308 12.91 -1.25 23.12
CA PHE A 308 14.20 -1.73 22.68
C PHE A 308 14.03 -2.19 21.24
N ALA A 309 14.96 -1.78 20.36
CA ALA A 309 14.89 -2.13 18.95
C ALA A 309 13.83 -1.34 18.22
N LYS A 310 13.42 -0.18 18.78
CA LYS A 310 12.59 0.75 18.04
C LYS A 310 13.31 1.14 16.75
N GLY A 311 14.61 1.42 16.86
CA GLY A 311 15.42 1.85 15.74
C GLY A 311 16.20 0.71 15.09
N TYR A 312 16.05 -0.51 15.62
CA TYR A 312 16.74 -1.68 15.08
C TYR A 312 15.78 -2.53 14.26
N GLU A 313 14.55 -2.06 14.04
CA GLU A 313 13.51 -2.86 13.42
C GLU A 313 13.91 -3.20 11.98
N ASP A 314 14.00 -4.51 11.70
CA ASP A 314 14.36 -5.03 10.40
C ASP A 314 15.76 -4.57 9.97
N TYR A 315 16.56 -4.06 10.91
CA TYR A 315 17.94 -3.69 10.61
C TYR A 315 18.79 -4.95 10.60
N LEU A 316 19.51 -5.18 9.50
CA LEU A 316 20.29 -6.39 9.31
C LEU A 316 21.71 -6.18 9.82
N GLN A 317 22.16 -7.07 10.71
CA GLN A 317 23.54 -7.10 11.17
C GLN A 317 24.12 -8.47 10.87
N SER A 318 25.31 -8.48 10.25
CA SER A 318 26.05 -9.71 10.01
C SER A 318 26.69 -10.13 11.32
N PRO A 319 26.39 -11.34 11.86
CA PRO A 319 27.03 -11.81 13.09
C PRO A 319 28.55 -11.94 12.91
N LEU A 320 29.29 -11.48 13.91
CA LEU A 320 30.74 -11.53 13.90
C LEU A 320 31.20 -12.51 14.98
N GLN A 321 32.24 -13.27 14.61
CA GLN A 321 32.96 -14.20 15.46
C GLN A 321 33.43 -13.57 16.78
N PRO A 322 32.89 -13.95 17.95
CA PRO A 322 33.50 -13.58 19.24
C PRO A 322 34.83 -14.27 19.53
N LEU A 323 35.05 -15.43 18.91
CA LEU A 323 36.25 -16.22 19.14
C LEU A 323 37.43 -15.65 18.35
N MET A 324 37.17 -15.20 17.12
CA MET A 324 38.24 -14.75 16.23
C MET A 324 38.51 -13.26 16.43
N ASP A 325 37.49 -12.50 16.81
CA ASP A 325 37.65 -11.07 17.03
C ASP A 325 37.44 -10.75 18.51
N ASN A 326 37.89 -9.55 18.91
CA ASN A 326 37.69 -9.08 20.27
C ASN A 326 36.57 -8.04 20.27
N LEU A 327 35.67 -8.16 21.25
CA LEU A 327 34.56 -7.23 21.39
C LEU A 327 35.09 -5.88 21.86
N GLU A 328 34.42 -4.81 21.41
CA GLU A 328 34.77 -3.46 21.80
C GLU A 328 34.18 -3.16 23.17
N SER A 329 34.68 -2.09 23.80
CA SER A 329 34.30 -1.71 25.15
C SER A 329 32.81 -1.39 25.22
N GLN A 330 32.32 -0.58 24.26
CA GLN A 330 30.95 -0.12 24.28
C GLN A 330 29.96 -1.25 24.01
N THR A 331 30.42 -2.33 23.34
CA THR A 331 29.56 -3.47 23.07
C THR A 331 29.23 -4.18 24.39
N TYR A 332 30.28 -4.50 25.17
CA TYR A 332 30.11 -5.10 26.48
C TYR A 332 29.22 -4.21 27.35
N GLU A 333 29.52 -2.90 27.33
CA GLU A 333 28.81 -1.92 28.15
C GLU A 333 27.30 -2.06 27.98
N VAL A 334 26.86 -2.25 26.73
CA VAL A 334 25.44 -2.32 26.39
C VAL A 334 24.81 -3.57 27.00
N PHE A 335 25.49 -4.71 26.91
CA PHE A 335 24.87 -6.00 27.19
C PHE A 335 25.01 -6.39 28.66
N GLU A 336 25.92 -5.72 29.39
CA GLU A 336 26.05 -5.88 30.83
C GLU A 336 24.77 -5.49 31.55
N LYS A 337 24.03 -4.56 30.95
CA LYS A 337 22.91 -3.89 31.61
C LYS A 337 21.59 -4.58 31.28
N ASP A 338 21.64 -5.90 31.04
CA ASP A 338 20.43 -6.68 30.88
C ASP A 338 20.00 -7.17 32.26
N PRO A 339 18.88 -6.63 32.82
CA PRO A 339 18.48 -6.98 34.18
C PRO A 339 18.16 -8.47 34.36
N ILE A 340 17.47 -9.03 33.36
CA ILE A 340 16.87 -10.35 33.47
C ILE A 340 17.96 -11.42 33.32
N LYS A 341 18.85 -11.22 32.33
CA LYS A 341 19.86 -12.21 31.99
C LYS A 341 20.66 -12.58 33.24
N TYR A 342 21.08 -11.57 34.01
CA TYR A 342 22.00 -11.80 35.11
C TYR A 342 21.23 -12.17 36.38
N SER A 343 19.99 -11.68 36.54
CA SER A 343 19.09 -12.16 37.57
C SER A 343 18.98 -13.68 37.46
N GLN A 344 18.66 -14.15 36.25
CA GLN A 344 18.49 -15.56 35.95
C GLN A 344 19.81 -16.31 36.19
N TYR A 345 20.93 -15.70 35.80
CA TYR A 345 22.24 -16.29 36.02
C TYR A 345 22.52 -16.37 37.53
N GLN A 346 22.18 -15.30 38.26
CA GLN A 346 22.39 -15.25 39.70
C GLN A 346 21.62 -16.38 40.38
N GLN A 347 20.36 -16.56 39.98
CA GLN A 347 19.48 -17.53 40.59
C GLN A 347 19.99 -18.95 40.35
N ALA A 348 20.44 -19.22 39.11
CA ALA A 348 20.88 -20.55 38.73
C ALA A 348 22.10 -20.97 39.57
N ILE A 349 23.00 -20.01 39.79
CA ILE A 349 24.21 -20.23 40.56
C ILE A 349 23.85 -20.40 42.03
N TYR A 350 22.92 -19.56 42.49
CA TYR A 350 22.41 -19.61 43.86
C TYR A 350 21.87 -21.01 44.17
N LYS A 351 20.96 -21.49 43.33
CA LYS A 351 20.30 -22.77 43.54
C LYS A 351 21.32 -23.92 43.46
N CYS A 352 22.31 -23.78 42.57
CA CYS A 352 23.30 -24.82 42.38
C CYS A 352 24.18 -24.95 43.62
N LEU A 353 24.49 -23.81 44.26
CA LEU A 353 25.29 -23.80 45.48
C LEU A 353 24.59 -24.58 46.58
N LEU A 354 23.29 -24.30 46.78
CA LEU A 354 22.53 -24.93 47.83
C LEU A 354 22.45 -26.44 47.60
N ASP A 355 22.34 -26.85 46.33
CA ASP A 355 22.27 -28.26 45.99
C ASP A 355 23.62 -28.95 46.22
N ARG A 356 24.71 -28.16 46.28
CA ARG A 356 26.05 -28.74 46.30
C ARG A 356 26.62 -28.77 47.71
N VAL A 357 26.29 -27.78 48.54
CA VAL A 357 26.92 -27.65 49.86
C VAL A 357 25.84 -27.76 50.94
N PRO A 358 25.70 -28.94 51.59
CA PRO A 358 24.91 -29.06 52.83
C PRO A 358 25.18 -27.94 53.82
N GLU A 359 24.11 -27.47 54.48
CA GLU A 359 24.18 -26.40 55.46
C GLU A 359 25.27 -26.68 56.51
N GLU A 360 25.38 -27.95 56.92
CA GLU A 360 26.36 -28.38 57.90
C GLU A 360 27.77 -28.12 57.41
N GLU A 361 27.98 -28.17 56.09
CA GLU A 361 29.29 -27.98 55.48
C GLU A 361 29.49 -26.53 55.04
N LYS A 362 28.66 -25.62 55.56
CA LYS A 362 28.65 -24.23 55.11
C LYS A 362 30.07 -23.68 55.04
N ASP A 363 30.82 -23.79 56.14
CA ASP A 363 32.13 -23.18 56.26
C ASP A 363 33.25 -24.16 55.90
N THR A 364 32.93 -25.46 55.86
CA THR A 364 33.92 -26.47 55.54
C THR A 364 34.22 -26.45 54.04
N ASN A 365 33.20 -26.12 53.22
CA ASN A 365 33.22 -26.37 51.79
C ASN A 365 33.21 -25.05 51.01
N VAL A 366 34.33 -24.77 50.32
CA VAL A 366 34.44 -23.66 49.39
C VAL A 366 34.37 -24.21 47.97
N GLN A 367 33.33 -23.82 47.23
CA GLN A 367 33.11 -24.31 45.87
C GLN A 367 33.99 -23.54 44.90
N VAL A 368 34.57 -24.26 43.92
CA VAL A 368 35.44 -23.66 42.92
C VAL A 368 34.60 -23.32 41.69
N LEU A 369 34.37 -22.01 41.49
CA LEU A 369 33.64 -21.49 40.34
C LEU A 369 34.63 -20.97 39.30
N MET A 370 34.29 -21.15 38.02
CA MET A 370 35.09 -20.61 36.93
C MET A 370 34.18 -19.97 35.88
N VAL A 371 34.29 -18.65 35.73
CA VAL A 371 33.58 -17.92 34.70
C VAL A 371 34.41 -18.00 33.41
N LEU A 372 33.84 -18.63 32.37
CA LEU A 372 34.58 -18.93 31.15
C LEU A 372 34.12 -18.00 30.04
N GLY A 373 34.88 -16.92 29.84
CA GLY A 373 34.46 -15.82 28.99
C GLY A 373 33.87 -14.69 29.83
N ALA A 374 34.72 -14.13 30.70
CA ALA A 374 34.28 -13.28 31.80
C ALA A 374 34.00 -11.85 31.36
N GLY A 375 34.53 -11.45 30.19
CA GLY A 375 34.33 -10.11 29.67
C GLY A 375 34.77 -9.05 30.69
N ARG A 376 33.84 -8.14 31.04
CA ARG A 376 34.11 -7.12 32.03
C ARG A 376 33.53 -7.54 33.40
N GLY A 377 33.12 -8.81 33.51
CA GLY A 377 32.90 -9.46 34.79
C GLY A 377 31.44 -9.45 35.30
N PRO A 378 30.39 -9.37 34.45
CA PRO A 378 29.02 -9.42 34.96
C PRO A 378 28.66 -10.75 35.62
N LEU A 379 29.17 -11.87 35.09
CA LEU A 379 28.89 -13.18 35.66
C LEU A 379 29.74 -13.37 36.91
N VAL A 380 30.91 -12.73 36.95
CA VAL A 380 31.74 -12.72 38.15
C VAL A 380 30.91 -12.12 39.29
N ASN A 381 30.38 -10.91 39.06
CA ASN A 381 29.61 -10.20 40.07
C ASN A 381 28.36 -10.99 40.44
N ALA A 382 27.66 -11.50 39.42
CA ALA A 382 26.48 -12.32 39.64
C ALA A 382 26.83 -13.57 40.46
N SER A 383 28.04 -14.09 40.28
CA SER A 383 28.52 -15.23 41.05
C SER A 383 28.75 -14.85 42.51
N LEU A 384 29.26 -13.63 42.73
CA LEU A 384 29.47 -13.12 44.08
C LEU A 384 28.11 -12.89 44.76
N ARG A 385 27.22 -12.18 44.07
CA ARG A 385 25.89 -11.90 44.58
C ARG A 385 25.15 -13.20 44.89
N ALA A 386 25.45 -14.27 44.13
CA ALA A 386 24.84 -15.57 44.35
C ALA A 386 25.29 -16.15 45.69
N ALA A 387 26.61 -16.18 45.91
CA ALA A 387 27.21 -16.85 47.06
C ALA A 387 26.88 -16.10 48.35
N LYS A 388 26.77 -14.77 48.26
CA LYS A 388 26.36 -13.95 49.39
C LYS A 388 24.96 -14.36 49.84
N GLN A 389 24.03 -14.41 48.88
CA GLN A 389 22.64 -14.76 49.12
C GLN A 389 22.51 -16.21 49.56
N ALA A 390 23.33 -17.09 48.97
CA ALA A 390 23.29 -18.52 49.24
C ALA A 390 23.93 -18.82 50.60
N ASP A 391 24.70 -17.88 51.15
CA ASP A 391 25.43 -18.08 52.38
C ASP A 391 26.34 -19.30 52.21
N ARG A 392 27.10 -19.32 51.11
CA ARG A 392 28.09 -20.34 50.84
C ARG A 392 29.38 -19.66 50.39
N ARG A 393 30.46 -20.45 50.34
CA ARG A 393 31.79 -19.92 50.08
C ARG A 393 32.29 -20.41 48.73
N ILE A 394 32.90 -19.52 47.95
CA ILE A 394 33.33 -19.85 46.59
C ILE A 394 34.70 -19.23 46.28
N LYS A 395 35.45 -19.92 45.41
CA LYS A 395 36.67 -19.42 44.83
C LYS A 395 36.47 -19.24 43.34
N LEU A 396 36.72 -18.01 42.85
CA LEU A 396 36.44 -17.64 41.46
C LEU A 396 37.73 -17.58 40.64
N TYR A 397 37.67 -18.14 39.44
CA TYR A 397 38.55 -17.76 38.34
C TYR A 397 37.72 -17.02 37.32
N ALA A 398 38.32 -16.00 36.69
CA ALA A 398 37.69 -15.29 35.59
C ALA A 398 38.57 -15.42 34.36
N VAL A 399 38.15 -16.29 33.43
CA VAL A 399 38.93 -16.64 32.26
C VAL A 399 38.41 -15.84 31.07
N GLU A 400 39.29 -15.03 30.46
CA GLU A 400 38.92 -14.15 29.36
C GLU A 400 40.06 -14.07 28.35
N LYS A 401 39.73 -14.30 27.08
N LYS A 401 39.72 -14.28 27.07
CA LYS A 401 40.74 -14.32 26.03
CA LYS A 401 40.70 -14.33 26.00
C LYS A 401 40.96 -12.92 25.46
C LYS A 401 40.93 -12.94 25.43
N ASN A 402 39.92 -12.07 25.51
CA ASN A 402 40.01 -10.70 25.03
C ASN A 402 40.91 -9.92 25.99
N PRO A 403 42.19 -9.64 25.64
CA PRO A 403 43.12 -9.03 26.60
C PRO A 403 42.73 -7.60 26.94
N ASN A 404 41.98 -6.96 26.04
CA ASN A 404 41.50 -5.61 26.27
C ASN A 404 40.54 -5.60 27.46
N ALA A 405 39.65 -6.61 27.51
CA ALA A 405 38.69 -6.74 28.59
C ALA A 405 39.39 -7.13 29.88
N VAL A 406 40.40 -8.01 29.77
CA VAL A 406 41.23 -8.42 30.89
C VAL A 406 41.73 -7.20 31.67
N VAL A 407 42.05 -6.12 30.97
CA VAL A 407 42.49 -4.89 31.61
C VAL A 407 41.40 -4.37 32.55
N THR A 408 40.13 -4.52 32.13
CA THR A 408 39.01 -4.12 32.96
C THR A 408 38.93 -5.01 34.19
N LEU A 409 39.12 -6.32 33.99
CA LEU A 409 38.99 -7.30 35.07
C LEU A 409 40.01 -7.02 36.16
N GLU A 410 41.25 -6.72 35.77
CA GLU A 410 42.36 -6.61 36.70
C GLU A 410 42.27 -5.30 37.48
N ASN A 411 41.77 -4.24 36.84
CA ASN A 411 41.47 -2.99 37.53
C ASN A 411 40.34 -3.23 38.53
N TRP A 412 39.31 -4.02 38.14
CA TRP A 412 38.27 -4.47 39.04
C TRP A 412 38.88 -5.26 40.20
N GLN A 413 39.70 -6.25 39.85
CA GLN A 413 40.16 -7.27 40.79
C GLN A 413 40.96 -6.64 41.92
N PHE A 414 41.97 -5.84 41.53
CA PHE A 414 42.82 -5.16 42.50
C PHE A 414 41.98 -4.17 43.31
N GLU A 415 41.20 -3.34 42.63
CA GLU A 415 40.44 -2.28 43.29
C GLU A 415 39.42 -2.86 44.26
N GLU A 416 38.68 -3.91 43.85
CA GLU A 416 37.48 -4.33 44.56
C GLU A 416 37.56 -5.79 44.98
N TRP A 417 37.54 -6.71 43.99
CA TRP A 417 37.24 -8.11 44.27
C TRP A 417 38.25 -8.72 45.23
N GLY A 418 39.54 -8.37 45.05
CA GLY A 418 40.60 -8.98 45.82
C GLY A 418 40.94 -10.36 45.28
N SER A 419 41.78 -11.11 46.02
CA SER A 419 42.36 -12.35 45.53
C SER A 419 41.33 -13.49 45.53
N GLN A 420 40.10 -13.21 45.96
CA GLN A 420 39.01 -14.17 45.84
C GLN A 420 38.83 -14.53 44.36
N VAL A 421 38.94 -13.51 43.49
CA VAL A 421 38.93 -13.70 42.05
C VAL A 421 40.36 -13.89 41.55
N THR A 422 40.54 -14.84 40.62
CA THR A 422 41.78 -15.01 39.90
C THR A 422 41.53 -14.76 38.41
N VAL A 423 41.88 -13.56 37.94
CA VAL A 423 41.78 -13.23 36.53
C VAL A 423 42.78 -14.09 35.76
N VAL A 424 42.26 -14.93 34.86
CA VAL A 424 43.09 -15.67 33.92
C VAL A 424 42.90 -15.04 32.55
N SER A 425 44.02 -14.60 31.94
CA SER A 425 44.00 -14.04 30.60
C SER A 425 44.35 -15.15 29.61
N SER A 426 43.32 -15.85 29.11
CA SER A 426 43.55 -17.06 28.35
C SER A 426 42.30 -17.46 27.56
N ASP A 427 42.52 -18.30 26.54
CA ASP A 427 41.46 -19.09 25.94
C ASP A 427 41.16 -20.26 26.88
N MET A 428 39.88 -20.59 27.03
CA MET A 428 39.47 -21.63 27.96
C MET A 428 39.85 -23.01 27.40
N ARG A 429 40.07 -23.10 26.09
CA ARG A 429 40.43 -24.35 25.44
C ARG A 429 41.92 -24.63 25.61
N GLU A 430 42.70 -23.58 25.93
CA GLU A 430 44.14 -23.69 26.06
C GLU A 430 44.54 -23.78 27.54
N TRP A 431 43.95 -22.91 28.35
CA TRP A 431 44.31 -22.75 29.76
C TRP A 431 44.53 -24.10 30.45
N VAL A 432 45.62 -24.19 31.21
CA VAL A 432 45.85 -25.28 32.15
C VAL A 432 45.50 -24.77 33.54
N ALA A 433 44.45 -25.35 34.13
CA ALA A 433 43.93 -24.89 35.40
C ALA A 433 44.77 -25.44 36.55
N PRO A 434 44.90 -24.71 37.67
CA PRO A 434 45.59 -25.24 38.86
C PRO A 434 44.80 -26.36 39.53
N GLU A 435 43.48 -26.17 39.64
CA GLU A 435 42.57 -27.13 40.24
C GLU A 435 41.32 -27.22 39.37
N LYS A 436 40.51 -28.27 39.58
CA LYS A 436 39.27 -28.45 38.83
C LYS A 436 38.17 -27.56 39.42
N ALA A 437 37.10 -27.37 38.63
CA ALA A 437 35.98 -26.54 39.03
C ALA A 437 34.80 -27.40 39.44
N ASP A 438 34.07 -26.93 40.47
CA ASP A 438 32.77 -27.47 40.81
C ASP A 438 31.75 -27.00 39.79
N ILE A 439 31.88 -25.73 39.38
CA ILE A 439 30.94 -25.06 38.49
C ILE A 439 31.71 -24.26 37.46
N ILE A 440 31.44 -24.53 36.17
CA ILE A 440 31.82 -23.63 35.10
C ILE A 440 30.58 -22.84 34.69
N VAL A 441 30.75 -21.52 34.52
CA VAL A 441 29.67 -20.61 34.20
C VAL A 441 30.05 -19.86 32.93
N SER A 442 29.20 -19.92 31.90
CA SER A 442 29.52 -19.30 30.61
C SER A 442 28.32 -18.55 30.04
N GLU A 443 28.62 -17.73 29.03
CA GLU A 443 27.70 -16.75 28.45
C GLU A 443 27.97 -16.68 26.95
N LEU A 444 28.19 -17.85 26.34
CA LEU A 444 28.76 -17.95 25.01
C LEU A 444 27.68 -18.17 23.95
N LEU A 445 26.40 -17.99 24.30
CA LEU A 445 25.31 -18.33 23.41
C LEU A 445 25.02 -17.16 22.48
N GLY A 446 24.85 -17.45 21.19
CA GLY A 446 24.36 -16.47 20.23
C GLY A 446 22.85 -16.53 20.11
N SER A 447 22.32 -15.84 19.11
CA SER A 447 20.89 -15.76 18.86
C SER A 447 20.33 -17.12 18.44
N PHE A 448 21.20 -18.03 17.99
CA PHE A 448 20.79 -19.35 17.55
C PHE A 448 21.57 -20.38 18.36
N ALA A 449 21.95 -19.94 19.55
CA ALA A 449 22.51 -20.74 20.64
C ALA A 449 23.95 -21.13 20.34
N ASP A 450 24.15 -22.01 19.37
CA ASP A 450 25.45 -22.61 19.13
C ASP A 450 26.26 -21.82 18.09
N ASN A 451 25.72 -20.69 17.62
CA ASN A 451 26.30 -19.97 16.50
C ASN A 451 27.62 -19.30 16.89
N GLU A 452 27.83 -19.00 18.17
CA GLU A 452 29.08 -18.42 18.63
C GLU A 452 30.04 -19.51 19.12
N LEU A 453 29.69 -20.78 18.89
CA LEU A 453 30.58 -21.91 19.11
C LEU A 453 30.77 -22.17 20.60
N SER A 454 29.70 -21.96 21.38
CA SER A 454 29.69 -22.36 22.78
C SER A 454 30.05 -23.83 22.92
N PRO A 455 29.55 -24.74 22.05
CA PRO A 455 29.91 -26.16 22.15
C PRO A 455 31.40 -26.44 22.16
N GLU A 456 32.13 -25.81 21.23
CA GLU A 456 33.54 -26.11 21.00
C GLU A 456 34.38 -25.58 22.16
N CYS A 457 34.03 -24.40 22.66
CA CYS A 457 34.75 -23.76 23.75
C CYS A 457 34.62 -24.62 25.00
N LEU A 458 33.38 -24.90 25.42
CA LEU A 458 33.14 -25.63 26.66
C LEU A 458 33.68 -27.06 26.54
N ASP A 459 33.60 -27.66 25.35
CA ASP A 459 34.21 -28.96 25.11
C ASP A 459 35.69 -28.93 25.49
N GLY A 460 36.41 -27.92 25.01
CA GLY A 460 37.84 -27.81 25.24
C GLY A 460 38.15 -27.44 26.69
N ALA A 461 37.13 -27.03 27.45
CA ALA A 461 37.31 -26.57 28.82
C ALA A 461 36.86 -27.62 29.83
N GLN A 462 36.07 -28.62 29.41
CA GLN A 462 35.38 -29.46 30.39
C GLN A 462 36.35 -30.39 31.11
N HIS A 463 37.58 -30.54 30.60
CA HIS A 463 38.56 -31.40 31.24
C HIS A 463 38.89 -30.93 32.65
N PHE A 464 38.69 -29.64 32.94
CA PHE A 464 38.99 -29.10 34.27
C PHE A 464 37.69 -28.88 35.05
N LEU A 465 36.61 -29.58 34.66
CA LEU A 465 35.43 -29.71 35.49
C LEU A 465 35.57 -30.98 36.32
N LYS A 466 35.24 -30.88 37.61
CA LYS A 466 35.18 -32.05 38.48
C LYS A 466 34.29 -33.11 37.81
N ASP A 467 34.61 -34.38 38.04
CA ASP A 467 33.90 -35.49 37.41
C ASP A 467 32.40 -35.43 37.72
N ASP A 468 32.01 -34.59 38.68
CA ASP A 468 30.62 -34.43 39.08
C ASP A 468 30.22 -32.95 39.03
N GLY A 469 30.89 -32.15 38.19
CA GLY A 469 30.71 -30.72 38.18
C GLY A 469 29.49 -30.29 37.36
N VAL A 470 29.07 -29.04 37.54
CA VAL A 470 27.97 -28.44 36.80
C VAL A 470 28.54 -27.44 35.80
N SER A 471 28.00 -27.48 34.58
CA SER A 471 28.14 -26.39 33.62
C SER A 471 26.84 -25.57 33.63
N ILE A 472 27.00 -24.25 33.78
CA ILE A 472 25.90 -23.31 33.58
C ILE A 472 26.25 -22.45 32.38
N PRO A 473 25.47 -22.47 31.27
CA PRO A 473 24.23 -23.26 31.19
C PRO A 473 24.44 -24.75 30.99
N GLY A 474 23.39 -25.52 31.29
CA GLY A 474 23.45 -26.98 31.23
C GLY A 474 23.09 -27.51 29.84
N GLU A 475 22.18 -26.82 29.16
CA GLU A 475 21.74 -27.22 27.83
C GLU A 475 21.17 -26.01 27.09
N TYR A 476 21.25 -26.06 25.75
CA TYR A 476 20.59 -25.06 24.91
C TYR A 476 20.05 -25.76 23.67
N THR A 477 18.96 -25.19 23.14
CA THR A 477 18.31 -25.68 21.92
C THR A 477 17.99 -24.50 21.03
N SER A 478 18.28 -24.64 19.73
CA SER A 478 17.91 -23.65 18.74
C SER A 478 16.55 -23.99 18.15
N PHE A 479 15.82 -22.96 17.70
CA PHE A 479 14.51 -23.11 17.09
C PHE A 479 14.47 -22.37 15.75
N LEU A 480 13.70 -22.91 14.79
CA LEU A 480 13.52 -22.32 13.47
C LEU A 480 12.04 -22.13 13.19
N ALA A 481 11.70 -21.14 12.36
CA ALA A 481 10.35 -20.98 11.86
C ALA A 481 10.38 -20.33 10.47
N PRO A 482 9.66 -20.87 9.47
CA PRO A 482 9.55 -20.21 8.17
C PRO A 482 8.87 -18.85 8.30
N ILE A 483 9.34 -17.88 7.52
CA ILE A 483 8.73 -16.55 7.49
C ILE A 483 8.56 -16.07 6.06
N SER A 484 7.61 -15.15 5.90
CA SER A 484 7.43 -14.36 4.69
C SER A 484 7.73 -12.90 5.02
N SER A 485 8.66 -12.32 4.26
CA SER A 485 8.87 -10.89 4.27
C SER A 485 9.56 -10.47 2.97
N SER A 486 8.79 -9.93 2.04
CA SER A 486 9.34 -9.39 0.80
C SER A 486 10.24 -8.20 1.10
N LYS A 487 10.03 -7.57 2.26
CA LYS A 487 10.83 -6.45 2.71
C LYS A 487 12.24 -6.91 3.06
N LEU A 488 12.35 -7.84 4.02
CA LEU A 488 13.63 -8.37 4.46
C LEU A 488 14.34 -9.05 3.30
N TYR A 489 13.60 -9.79 2.48
CA TYR A 489 14.16 -10.43 1.30
C TYR A 489 14.91 -9.39 0.47
N ASN A 490 14.30 -8.20 0.33
CA ASN A 490 14.80 -7.17 -0.56
C ASN A 490 16.00 -6.47 0.07
N GLU A 491 16.02 -6.39 1.41
CA GLU A 491 17.13 -5.80 2.14
C GLU A 491 18.38 -6.67 1.99
N VAL A 492 18.20 -7.98 2.17
CA VAL A 492 19.27 -8.94 1.97
C VAL A 492 19.81 -8.78 0.55
N ARG A 493 18.90 -8.78 -0.43
CA ARG A 493 19.27 -8.68 -1.83
C ARG A 493 20.16 -7.45 -2.07
N ALA A 494 19.86 -6.36 -1.36
CA ALA A 494 20.59 -5.11 -1.50
C ALA A 494 21.98 -5.18 -0.87
N CYS A 495 22.37 -6.35 -0.34
CA CYS A 495 23.65 -6.50 0.34
C CYS A 495 24.73 -7.08 -0.58
N ARG A 496 24.62 -6.86 -1.89
N ARG A 496 24.63 -6.83 -1.88
CA ARG A 496 25.67 -7.32 -2.80
CA ARG A 496 25.65 -7.25 -2.83
C ARG A 496 26.89 -6.41 -2.61
C ARG A 496 26.89 -6.40 -2.59
N GLU A 497 28.07 -7.02 -2.72
CA GLU A 497 29.34 -6.32 -2.52
C GLU A 497 30.30 -6.70 -3.64
N LYS A 498 31.20 -5.76 -3.95
CA LYS A 498 32.29 -5.97 -4.88
C LYS A 498 33.17 -7.11 -4.38
N ASP A 499 33.82 -7.80 -5.32
CA ASP A 499 34.94 -8.69 -5.04
C ASP A 499 34.50 -9.91 -4.25
N ARG A 500 33.24 -10.33 -4.40
CA ARG A 500 32.78 -11.60 -3.85
C ARG A 500 31.60 -12.10 -4.69
N ASP A 501 31.18 -13.34 -4.41
CA ASP A 501 30.05 -13.94 -5.09
C ASP A 501 28.88 -12.96 -5.08
N PRO A 502 28.20 -12.72 -6.22
CA PRO A 502 27.06 -11.80 -6.26
C PRO A 502 25.85 -12.20 -5.43
N GLU A 503 25.84 -13.44 -4.90
CA GLU A 503 24.73 -13.96 -4.13
C GLU A 503 25.17 -14.39 -2.73
N ALA A 504 26.37 -13.96 -2.30
CA ALA A 504 26.91 -14.35 -1.01
C ALA A 504 25.98 -13.91 0.13
N GLN A 505 25.32 -12.77 -0.05
CA GLN A 505 24.48 -12.17 0.98
C GLN A 505 23.33 -13.10 1.37
N PHE A 506 22.93 -14.01 0.47
CA PHE A 506 21.81 -14.91 0.75
C PHE A 506 22.26 -16.19 1.43
N GLU A 507 23.58 -16.44 1.48
CA GLU A 507 24.09 -17.68 2.03
C GLU A 507 24.77 -17.44 3.36
N MET A 508 24.26 -16.46 4.14
CA MET A 508 24.77 -16.16 5.46
C MET A 508 23.63 -15.67 6.34
N PRO A 509 23.64 -16.02 7.65
CA PRO A 509 22.63 -15.53 8.59
C PRO A 509 22.90 -14.11 9.08
N TYR A 510 21.81 -13.39 9.40
CA TYR A 510 21.89 -12.05 9.94
C TYR A 510 21.15 -12.01 11.28
N VAL A 511 21.68 -11.21 12.22
CA VAL A 511 20.93 -10.83 13.41
C VAL A 511 20.06 -9.65 13.03
N VAL A 512 18.80 -9.67 13.50
CA VAL A 512 17.83 -8.67 13.10
C VAL A 512 16.62 -8.74 14.03
N ARG A 513 16.16 -7.56 14.47
CA ARG A 513 14.86 -7.45 15.12
C ARG A 513 13.79 -7.56 14.03
N LEU A 514 13.40 -8.80 13.71
CA LEU A 514 12.35 -9.06 12.75
C LEU A 514 11.12 -8.24 13.15
N HIS A 515 10.54 -7.52 12.20
CA HIS A 515 9.44 -6.62 12.52
C HIS A 515 8.34 -6.75 11.48
N ASN A 516 8.60 -6.27 10.25
CA ASN A 516 7.63 -6.43 9.17
C ASN A 516 7.81 -7.80 8.54
N PHE A 517 7.10 -8.80 9.08
CA PHE A 517 7.22 -10.17 8.59
C PHE A 517 6.00 -10.97 9.04
N HIS A 518 5.92 -12.21 8.54
CA HIS A 518 4.83 -13.11 8.86
C HIS A 518 5.40 -14.51 9.13
N GLN A 519 5.20 -15.02 10.34
N GLN A 519 5.26 -14.98 10.37
CA GLN A 519 5.64 -16.37 10.68
CA GLN A 519 5.58 -16.36 10.72
C GLN A 519 4.61 -17.35 10.14
C GLN A 519 4.58 -17.27 10.01
N LEU A 520 5.09 -18.33 9.35
CA LEU A 520 4.25 -19.18 8.54
C LEU A 520 3.92 -20.49 9.25
N SER A 521 4.66 -20.80 10.32
CA SER A 521 4.38 -21.99 11.12
C SER A 521 5.11 -21.89 12.46
N ALA A 522 4.65 -22.68 13.44
CA ALA A 522 5.16 -22.60 14.80
C ALA A 522 6.63 -22.99 14.83
N PRO A 523 7.50 -22.28 15.59
CA PRO A 523 8.90 -22.67 15.73
C PRO A 523 9.03 -24.12 16.14
N GLN A 524 10.12 -24.77 15.72
CA GLN A 524 10.41 -26.14 16.10
C GLN A 524 11.88 -26.27 16.45
N PRO A 525 12.23 -27.17 17.41
CA PRO A 525 13.63 -27.34 17.81
C PRO A 525 14.48 -27.79 16.64
N CYS A 526 15.71 -27.28 16.57
CA CYS A 526 16.62 -27.57 15.48
C CYS A 526 17.81 -28.37 16.01
N PHE A 527 18.66 -27.72 16.82
CA PHE A 527 19.85 -28.36 17.35
C PHE A 527 19.90 -28.16 18.87
N THR A 528 20.42 -29.17 19.57
CA THR A 528 20.50 -29.15 21.03
C THR A 528 21.90 -29.59 21.44
N PHE A 529 22.44 -28.92 22.48
CA PHE A 529 23.69 -29.31 23.10
C PHE A 529 23.49 -29.30 24.62
N SER A 530 24.20 -30.20 25.30
CA SER A 530 24.20 -30.24 26.75
C SER A 530 25.63 -30.35 27.28
N HIS A 531 25.87 -29.75 28.44
CA HIS A 531 27.20 -29.65 29.01
C HIS A 531 27.15 -29.99 30.51
N PRO A 532 28.10 -30.79 31.06
CA PRO A 532 29.15 -31.45 30.27
C PRO A 532 28.61 -32.55 29.35
N ASN A 533 29.39 -32.86 28.31
CA ASN A 533 29.03 -33.86 27.33
C ASN A 533 29.92 -35.08 27.56
N ARG A 534 29.33 -36.13 28.15
CA ARG A 534 30.06 -37.29 28.62
C ARG A 534 30.47 -38.20 27.46
N ASP A 535 29.86 -38.01 26.29
CA ASP A 535 30.08 -38.85 25.13
C ASP A 535 31.58 -39.07 24.94
N PRO A 536 32.06 -40.33 24.76
CA PRO A 536 33.47 -40.58 24.49
C PRO A 536 33.88 -40.02 23.12
N MET A 537 33.01 -40.23 22.12
CA MET A 537 33.20 -39.67 20.79
C MET A 537 32.26 -38.46 20.64
N ILE A 538 32.80 -37.27 20.96
CA ILE A 538 32.05 -36.03 20.87
C ILE A 538 32.03 -35.58 19.40
N ASP A 539 30.84 -35.23 18.91
CA ASP A 539 30.69 -34.63 17.59
C ASP A 539 29.65 -33.52 17.65
N ASN A 540 30.08 -32.30 17.29
CA ASN A 540 29.24 -31.12 17.34
C ASN A 540 28.57 -30.85 15.99
N ASN A 541 28.86 -31.67 14.97
CA ASN A 541 28.17 -31.58 13.69
C ASN A 541 26.74 -32.07 13.87
N ARG A 542 25.86 -31.64 12.96
CA ARG A 542 24.44 -31.90 13.07
C ARG A 542 23.79 -31.90 11.69
N TYR A 543 22.71 -32.68 11.56
CA TYR A 543 21.84 -32.65 10.39
C TYR A 543 20.41 -32.89 10.88
N CYS A 544 19.48 -32.07 10.40
CA CYS A 544 18.14 -31.97 10.95
C CYS A 544 17.15 -31.67 9.83
N THR A 545 16.10 -32.50 9.71
CA THR A 545 15.02 -32.26 8.77
C THR A 545 13.79 -31.80 9.55
N LEU A 546 13.19 -30.68 9.13
CA LEU A 546 12.00 -30.16 9.77
C LEU A 546 10.86 -30.06 8.75
N GLU A 547 9.63 -30.18 9.27
CA GLU A 547 8.41 -30.21 8.49
C GLU A 547 7.45 -29.18 9.06
N PHE A 548 7.17 -28.11 8.30
CA PHE A 548 6.42 -26.97 8.81
C PHE A 548 5.06 -26.91 8.11
N PRO A 549 3.95 -27.32 8.78
CA PRO A 549 2.63 -27.26 8.17
C PRO A 549 2.16 -25.82 8.05
N VAL A 550 1.90 -25.39 6.80
CA VAL A 550 1.49 -24.03 6.51
C VAL A 550 0.02 -24.02 6.09
N GLU A 551 -0.76 -23.15 6.71
CA GLU A 551 -2.20 -23.09 6.51
C GLU A 551 -2.62 -21.79 5.83
N VAL A 552 -1.67 -21.12 5.15
CA VAL A 552 -1.98 -19.91 4.41
C VAL A 552 -1.34 -19.99 3.03
N ASN A 553 -1.86 -19.22 2.06
CA ASN A 553 -1.12 -18.91 0.86
C ASN A 553 -0.10 -17.82 1.21
N THR A 554 1.15 -18.01 0.77
CA THR A 554 2.22 -17.08 1.14
C THR A 554 3.40 -17.21 0.19
N VAL A 555 4.48 -16.50 0.52
CA VAL A 555 5.75 -16.61 -0.19
C VAL A 555 6.87 -16.72 0.85
N LEU A 556 7.61 -17.83 0.80
CA LEU A 556 8.69 -18.10 1.74
C LEU A 556 9.93 -17.31 1.34
N HIS A 557 10.55 -16.61 2.31
CA HIS A 557 11.75 -15.81 2.05
C HIS A 557 12.90 -16.18 2.98
N GLY A 558 12.65 -17.00 4.02
CA GLY A 558 13.72 -17.42 4.91
C GLY A 558 13.19 -18.06 6.19
N PHE A 559 14.10 -18.28 7.14
CA PHE A 559 13.77 -18.92 8.40
C PHE A 559 14.29 -18.06 9.55
N ALA A 560 13.40 -17.73 10.50
CA ALA A 560 13.80 -17.07 11.73
C ALA A 560 14.43 -18.11 12.66
N GLY A 561 15.45 -17.67 13.40
CA GLY A 561 16.09 -18.51 14.40
C GLY A 561 15.96 -17.90 15.80
N TYR A 562 15.64 -18.75 16.76
CA TYR A 562 15.55 -18.37 18.16
C TYR A 562 16.30 -19.44 18.97
N PHE A 563 16.30 -19.30 20.30
CA PHE A 563 16.88 -20.33 21.13
C PHE A 563 16.28 -20.28 22.52
N GLU A 564 16.42 -21.41 23.23
CA GLU A 564 16.17 -21.49 24.67
C GLU A 564 17.37 -22.18 25.32
N THR A 565 17.59 -21.90 26.60
CA THR A 565 18.65 -22.55 27.35
C THR A 565 18.18 -22.83 28.77
N VAL A 566 18.61 -23.98 29.29
CA VAL A 566 18.51 -24.28 30.71
C VAL A 566 19.83 -23.86 31.35
N LEU A 567 19.78 -22.81 32.16
CA LEU A 567 20.92 -22.38 32.96
C LEU A 567 21.15 -23.43 34.05
N TYR A 568 20.09 -23.72 34.83
CA TYR A 568 20.15 -24.72 35.88
C TYR A 568 18.72 -25.11 36.28
N GLN A 569 18.43 -26.41 36.28
N GLN A 569 18.43 -26.41 36.18
CA GLN A 569 17.14 -26.93 36.68
CA GLN A 569 17.13 -26.99 36.51
C GLN A 569 16.03 -26.23 35.88
C GLN A 569 16.02 -26.18 35.81
N ASP A 570 15.30 -25.34 36.57
CA ASP A 570 14.13 -24.66 36.00
C ASP A 570 14.43 -23.19 35.76
N ILE A 571 15.70 -22.79 35.90
CA ILE A 571 16.09 -21.43 35.58
C ILE A 571 16.48 -21.40 34.11
N THR A 572 15.72 -20.63 33.31
CA THR A 572 15.83 -20.68 31.87
C THR A 572 15.88 -19.27 31.29
N LEU A 573 16.41 -19.18 30.07
CA LEU A 573 16.30 -18.00 29.24
C LEU A 573 15.78 -18.44 27.88
N SER A 574 15.00 -17.57 27.23
CA SER A 574 14.46 -17.84 25.92
C SER A 574 14.26 -16.55 25.14
N ILE A 575 14.41 -16.63 23.81
CA ILE A 575 13.99 -15.56 22.91
C ILE A 575 12.95 -16.07 21.93
N ARG A 576 12.66 -17.37 22.00
CA ARG A 576 11.51 -17.98 21.35
C ARG A 576 10.26 -17.18 21.71
N PRO A 577 9.54 -16.57 20.73
CA PRO A 577 8.50 -15.59 21.04
C PRO A 577 7.44 -16.09 22.00
N GLU A 578 7.11 -17.38 21.90
CA GLU A 578 6.08 -18.00 22.73
C GLU A 578 6.51 -17.97 24.19
N THR A 579 7.80 -18.19 24.45
CA THR A 579 8.31 -18.36 25.81
C THR A 579 9.39 -17.32 26.11
N HIS A 580 9.33 -16.18 25.43
CA HIS A 580 10.38 -15.18 25.48
C HIS A 580 10.54 -14.67 26.89
N SER A 581 11.80 -14.60 27.38
CA SER A 581 12.10 -14.04 28.68
C SER A 581 11.75 -12.55 28.67
N PRO A 582 10.80 -12.08 29.52
CA PRO A 582 10.34 -10.69 29.47
C PRO A 582 11.46 -9.69 29.70
N GLY A 583 11.54 -8.69 28.81
CA GLY A 583 12.45 -7.56 28.97
C GLY A 583 13.82 -7.78 28.33
N MET A 584 14.23 -9.06 28.26
CA MET A 584 15.59 -9.41 27.88
C MET A 584 15.88 -8.98 26.45
N PHE A 585 16.90 -8.12 26.27
CA PHE A 585 17.23 -7.53 24.99
C PHE A 585 18.56 -8.05 24.43
N SER A 586 19.26 -8.89 25.20
CA SER A 586 20.63 -9.26 24.90
C SER A 586 20.75 -10.05 23.59
N TRP A 587 19.65 -10.63 23.10
CA TRP A 587 19.66 -11.31 21.81
C TRP A 587 18.45 -10.91 20.96
N PHE A 588 18.72 -10.43 19.74
CA PHE A 588 17.70 -10.35 18.71
C PHE A 588 17.62 -11.70 18.00
N PRO A 589 16.54 -11.98 17.23
CA PRO A 589 16.50 -13.17 16.37
C PRO A 589 17.56 -13.16 15.28
N ILE A 590 17.78 -14.35 14.69
CA ILE A 590 18.62 -14.51 13.52
C ILE A 590 17.70 -14.75 12.33
N LEU A 591 18.19 -14.46 11.11
CA LEU A 591 17.45 -14.74 9.89
C LEU A 591 18.37 -15.49 8.92
N PHE A 592 17.89 -16.65 8.45
CA PHE A 592 18.54 -17.40 7.39
C PHE A 592 17.75 -17.19 6.10
N PRO A 593 18.25 -16.39 5.15
CA PRO A 593 17.53 -16.16 3.89
C PRO A 593 17.66 -17.33 2.95
N ILE A 594 16.91 -17.25 1.84
CA ILE A 594 17.07 -18.13 0.69
C ILE A 594 17.16 -17.26 -0.57
N LYS A 595 17.93 -17.74 -1.55
N LYS A 595 17.87 -17.75 -1.59
CA LYS A 595 18.21 -17.03 -2.80
CA LYS A 595 18.20 -16.94 -2.76
C LYS A 595 16.92 -16.63 -3.49
C LYS A 595 16.95 -16.64 -3.57
N GLN A 596 16.08 -17.64 -3.74
CA GLN A 596 14.85 -17.47 -4.50
C GLN A 596 13.65 -17.71 -3.58
N PRO A 597 12.70 -16.76 -3.50
CA PRO A 597 11.44 -16.97 -2.79
C PRO A 597 10.67 -18.17 -3.33
N ILE A 598 9.82 -18.76 -2.47
CA ILE A 598 9.12 -19.98 -2.81
C ILE A 598 7.65 -19.81 -2.45
N THR A 599 6.78 -19.91 -3.47
CA THR A 599 5.34 -19.90 -3.26
C THR A 599 4.93 -21.09 -2.40
N VAL A 600 4.08 -20.82 -1.41
CA VAL A 600 3.47 -21.88 -0.62
C VAL A 600 1.96 -21.68 -0.65
N ARG A 601 1.23 -22.73 -1.05
CA ARG A 601 -0.22 -22.72 -1.03
C ARG A 601 -0.71 -23.23 0.31
N GLU A 602 -1.87 -22.72 0.75
CA GLU A 602 -2.55 -23.19 1.94
C GLU A 602 -2.60 -24.71 1.92
N GLY A 603 -2.22 -25.33 3.04
CA GLY A 603 -2.26 -26.78 3.16
C GLY A 603 -0.87 -27.41 3.08
N GLN A 604 0.02 -26.82 2.26
CA GLN A 604 1.30 -27.44 1.97
C GLN A 604 2.21 -27.41 3.20
N THR A 605 3.16 -28.37 3.23
CA THR A 605 4.19 -28.42 4.24
C THR A 605 5.48 -27.85 3.64
N ILE A 606 6.14 -26.96 4.39
CA ILE A 606 7.50 -26.54 4.11
C ILE A 606 8.45 -27.53 4.77
N CYS A 607 9.32 -28.16 3.97
CA CYS A 607 10.37 -29.02 4.51
C CYS A 607 11.72 -28.35 4.34
N VAL A 608 12.42 -28.13 5.46
CA VAL A 608 13.73 -27.49 5.44
C VAL A 608 14.75 -28.45 6.05
N ARG A 609 15.99 -28.34 5.55
CA ARG A 609 17.11 -29.15 6.00
C ARG A 609 18.16 -28.22 6.58
N PHE A 610 18.76 -28.60 7.71
CA PHE A 610 19.77 -27.78 8.35
C PHE A 610 20.95 -28.65 8.79
N TRP A 611 22.14 -28.25 8.34
CA TRP A 611 23.39 -28.86 8.77
C TRP A 611 24.18 -27.88 9.61
N ARG A 612 24.80 -28.41 10.68
CA ARG A 612 25.93 -27.76 11.32
C ARG A 612 27.18 -28.53 10.87
N CYS A 613 28.12 -27.82 10.26
CA CYS A 613 29.32 -28.43 9.67
C CYS A 613 30.56 -27.83 10.30
N SER A 614 31.68 -28.55 10.18
CA SER A 614 32.93 -28.08 10.74
C SER A 614 34.12 -28.79 10.08
N ASN A 615 35.27 -28.11 10.15
CA ASN A 615 36.57 -28.76 10.11
C ASN A 615 37.32 -28.25 11.34
N SER A 616 38.65 -28.45 11.38
CA SER A 616 39.44 -28.10 12.54
C SER A 616 39.57 -26.59 12.70
N LYS A 617 39.27 -25.83 11.63
CA LYS A 617 39.54 -24.40 11.61
C LYS A 617 38.27 -23.57 11.73
N LYS A 618 37.13 -24.08 11.26
CA LYS A 618 35.93 -23.25 11.20
C LYS A 618 34.67 -24.10 11.29
N VAL A 619 33.57 -23.41 11.63
CA VAL A 619 32.25 -24.00 11.80
C VAL A 619 31.29 -23.19 10.95
N TRP A 620 30.26 -23.84 10.37
CA TRP A 620 29.30 -23.13 9.56
C TRP A 620 28.00 -23.91 9.44
N TYR A 621 26.94 -23.21 9.01
CA TYR A 621 25.67 -23.84 8.70
C TYR A 621 25.50 -23.93 7.19
N GLU A 622 24.85 -25.01 6.73
CA GLU A 622 24.31 -25.10 5.39
C GLU A 622 22.82 -25.38 5.53
N TRP A 623 22.03 -25.05 4.49
CA TRP A 623 20.59 -25.29 4.58
C TRP A 623 19.97 -25.38 3.19
N ALA A 624 18.81 -26.04 3.15
CA ALA A 624 18.07 -26.25 1.91
C ALA A 624 16.59 -26.47 2.21
N VAL A 625 15.74 -26.02 1.29
CA VAL A 625 14.31 -26.35 1.29
C VAL A 625 14.12 -27.51 0.32
N THR A 626 13.32 -28.51 0.71
CA THR A 626 13.11 -29.69 -0.11
C THR A 626 11.65 -29.80 -0.53
N ALA A 627 10.73 -29.26 0.30
CA ALA A 627 9.32 -29.20 -0.05
C ALA A 627 8.77 -27.81 0.30
N PRO A 628 7.82 -27.25 -0.48
CA PRO A 628 7.18 -27.93 -1.62
C PRO A 628 7.96 -27.94 -2.94
N VAL A 629 9.08 -27.22 -2.97
CA VAL A 629 10.04 -27.30 -4.05
C VAL A 629 11.43 -27.28 -3.42
N CYS A 630 12.46 -27.53 -4.23
CA CYS A 630 13.82 -27.54 -3.73
C CYS A 630 14.45 -26.17 -3.92
N SER A 631 15.28 -25.76 -2.95
CA SER A 631 16.25 -24.71 -3.13
C SER A 631 17.59 -25.34 -3.46
N ALA A 632 18.57 -24.51 -3.79
CA ALA A 632 19.97 -24.91 -3.70
C ALA A 632 20.32 -25.15 -2.23
N ILE A 633 21.34 -25.97 -1.98
CA ILE A 633 21.98 -25.99 -0.68
C ILE A 633 22.71 -24.66 -0.51
N HIS A 634 22.42 -23.97 0.58
CA HIS A 634 22.97 -22.65 0.85
C HIS A 634 24.25 -22.80 1.67
N ASN A 635 25.26 -22.00 1.31
CA ASN A 635 26.53 -21.92 2.02
C ASN A 635 27.27 -23.25 1.96
N PRO A 636 27.40 -23.89 0.78
CA PRO A 636 28.17 -25.14 0.67
C PRO A 636 29.66 -24.94 0.94
N THR A 637 30.25 -25.84 1.74
N THR A 637 30.21 -25.81 1.80
CA THR A 637 31.65 -25.78 2.19
CA THR A 637 31.62 -25.78 2.17
C THR A 637 31.94 -24.48 2.94
C THR A 637 31.94 -24.48 2.91
N GLY A 638 30.92 -23.82 3.46
CA GLY A 638 31.10 -22.53 4.11
C GLY A 638 31.72 -21.48 3.16
N ARG A 639 31.38 -21.57 1.86
CA ARG A 639 32.00 -20.74 0.85
C ARG A 639 31.67 -19.27 1.05
N SER A 640 30.45 -18.98 1.52
CA SER A 640 29.99 -17.62 1.72
C SER A 640 30.17 -17.16 3.16
N TYR A 641 30.43 -18.09 4.07
CA TYR A 641 30.26 -17.81 5.49
C TYR A 641 30.78 -18.97 6.34
N THR A 642 31.72 -18.65 7.25
CA THR A 642 32.13 -19.57 8.30
C THR A 642 32.38 -18.79 9.58
N ILE A 643 32.56 -19.54 10.67
CA ILE A 643 32.86 -18.99 11.97
C ILE A 643 34.22 -19.57 12.38
N GLY A 644 35.18 -18.70 12.70
CA GLY A 644 36.56 -19.12 12.93
C GLY A 644 36.72 -19.75 14.30
N LEU A 645 37.36 -20.92 14.34
CA LEU A 645 37.73 -21.56 15.60
C LEU A 645 39.02 -20.94 16.15
N MET B 35 -14.27 33.36 -18.30
CA MET B 35 -14.37 32.44 -19.46
C MET B 35 -13.01 31.74 -19.66
N GLU B 36 -13.02 30.41 -19.57
CA GLU B 36 -11.82 29.60 -19.77
C GLU B 36 -11.93 28.87 -21.10
N ARG B 37 -10.86 28.16 -21.47
CA ARG B 37 -10.63 27.74 -22.85
C ARG B 37 -11.38 26.45 -23.17
N GLN B 38 -11.45 25.52 -22.21
CA GLN B 38 -11.97 24.19 -22.47
C GLN B 38 -13.50 24.20 -22.37
N LEU B 39 -14.16 24.37 -23.52
CA LEU B 39 -15.62 24.37 -23.59
C LEU B 39 -16.13 22.94 -23.45
N GLU B 40 -16.89 22.69 -22.38
CA GLU B 40 -17.32 21.34 -22.04
C GLU B 40 -18.73 21.07 -22.55
N ALA B 41 -19.67 21.97 -22.23
CA ALA B 41 -21.09 21.71 -22.49
C ALA B 41 -21.72 22.81 -23.34
N ALA B 42 -22.80 22.45 -24.05
CA ALA B 42 -23.59 23.37 -24.83
C ALA B 42 -25.03 22.84 -24.96
N ARG B 43 -25.99 23.60 -24.41
CA ARG B 43 -27.38 23.15 -24.33
C ARG B 43 -28.33 24.33 -24.57
N TYR B 44 -29.00 24.33 -25.72
CA TYR B 44 -30.11 25.23 -25.98
C TYR B 44 -31.27 24.88 -25.05
N ARG B 45 -32.15 25.86 -24.81
CA ARG B 45 -33.43 25.61 -24.15
C ARG B 45 -34.55 25.98 -25.12
N SER B 46 -35.79 25.92 -24.63
CA SER B 46 -36.98 26.13 -25.45
C SER B 46 -36.84 27.37 -26.33
N ASP B 47 -36.61 28.52 -25.69
CA ASP B 47 -36.65 29.81 -26.36
C ASP B 47 -35.52 29.93 -27.39
N GLY B 48 -34.42 29.19 -27.18
CA GLY B 48 -33.31 29.15 -28.12
C GLY B 48 -32.02 29.76 -27.56
N ALA B 49 -32.05 30.16 -26.28
CA ALA B 49 -30.87 30.67 -25.60
C ALA B 49 -29.88 29.52 -25.36
N LEU B 50 -28.59 29.80 -25.59
CA LEU B 50 -27.55 28.79 -25.56
C LEU B 50 -26.84 28.81 -24.20
N LEU B 51 -26.78 27.64 -23.55
CA LEU B 51 -26.03 27.49 -22.32
C LEU B 51 -24.60 27.07 -22.65
N LEU B 52 -23.64 27.58 -21.88
CA LEU B 52 -22.26 27.16 -21.98
C LEU B 52 -21.71 26.89 -20.58
N GLY B 53 -21.19 25.67 -20.40
CA GLY B 53 -20.27 25.35 -19.33
C GLY B 53 -18.84 25.31 -19.86
N ALA B 54 -17.87 25.66 -19.01
CA ALA B 54 -16.48 25.72 -19.41
C ALA B 54 -15.58 25.51 -18.19
N SER B 55 -14.34 25.06 -18.45
N SER B 55 -14.36 25.05 -18.47
CA SER B 55 -13.36 24.84 -17.39
CA SER B 55 -13.40 24.68 -17.43
C SER B 55 -11.98 25.27 -17.87
C SER B 55 -12.00 25.10 -17.88
N SER B 56 -11.15 25.69 -16.91
N SER B 56 -11.21 25.58 -16.92
CA SER B 56 -9.71 25.78 -17.12
CA SER B 56 -9.78 25.75 -17.14
C SER B 56 -9.07 24.47 -16.72
C SER B 56 -9.07 24.47 -16.73
N LEU B 57 -8.59 23.71 -17.72
CA LEU B 57 -7.98 22.41 -17.49
C LEU B 57 -6.46 22.51 -17.48
N SER B 58 -5.94 23.74 -17.48
CA SER B 58 -4.51 24.00 -17.50
C SER B 58 -4.24 25.43 -17.05
N GLY B 59 -3.03 25.69 -16.54
CA GLY B 59 -2.66 27.01 -16.05
C GLY B 59 -2.89 27.13 -14.55
N ARG B 60 -2.60 28.31 -13.98
CA ARG B 60 -2.52 28.48 -12.55
C ARG B 60 -3.79 27.99 -11.86
N CYS B 61 -4.95 28.49 -12.32
N CYS B 61 -4.95 28.45 -12.36
CA CYS B 61 -6.22 28.20 -11.66
CA CYS B 61 -6.23 28.23 -11.71
C CYS B 61 -7.01 27.18 -12.47
C CYS B 61 -7.02 27.17 -12.49
N TRP B 62 -7.38 26.08 -11.80
CA TRP B 62 -8.24 25.05 -12.38
C TRP B 62 -9.66 25.22 -11.84
N ALA B 63 -10.52 25.84 -12.67
CA ALA B 63 -11.88 26.16 -12.26
C ALA B 63 -12.76 26.23 -13.51
N GLY B 64 -13.96 26.82 -13.38
CA GLY B 64 -14.90 26.86 -14.49
C GLY B 64 -15.93 27.98 -14.34
N SER B 65 -16.94 27.95 -15.23
CA SER B 65 -17.83 29.08 -15.41
C SER B 65 -19.08 28.64 -16.19
N LEU B 66 -20.22 29.26 -15.85
CA LEU B 66 -21.46 29.05 -16.57
C LEU B 66 -21.81 30.34 -17.31
N TRP B 67 -22.48 30.20 -18.45
CA TRP B 67 -22.73 31.32 -19.35
C TRP B 67 -24.06 31.16 -20.06
N LEU B 68 -24.77 32.28 -20.27
CA LEU B 68 -25.98 32.30 -21.08
C LEU B 68 -25.78 33.24 -22.26
N PHE B 69 -26.11 32.74 -23.45
CA PHE B 69 -25.99 33.52 -24.68
C PHE B 69 -27.34 33.57 -25.39
N LYS B 70 -28.04 34.70 -25.25
CA LYS B 70 -29.29 34.92 -25.96
C LYS B 70 -29.02 35.11 -27.45
N ASP B 71 -27.79 35.55 -27.79
CA ASP B 71 -27.30 35.50 -29.16
C ASP B 71 -26.36 34.30 -29.31
N PRO B 72 -26.77 33.22 -30.02
CA PRO B 72 -25.88 32.08 -30.28
C PRO B 72 -24.56 32.40 -30.98
N CYS B 73 -24.56 33.46 -31.81
CA CYS B 73 -23.42 33.80 -32.65
C CYS B 73 -22.45 34.74 -31.93
N ALA B 74 -22.89 35.31 -30.79
CA ALA B 74 -22.01 36.11 -29.95
C ALA B 74 -21.09 35.19 -29.16
N ALA B 75 -21.51 33.93 -29.00
CA ALA B 75 -20.72 32.91 -28.32
C ALA B 75 -19.52 32.52 -29.17
N PRO B 76 -18.32 32.34 -28.57
CA PRO B 76 -18.11 32.40 -27.12
C PRO B 76 -17.59 33.70 -26.51
N ASN B 77 -18.04 34.85 -27.04
CA ASN B 77 -17.50 36.14 -26.63
C ASN B 77 -18.13 36.58 -25.30
N GLU B 78 -17.27 36.86 -24.31
CA GLU B 78 -17.68 37.01 -22.92
C GLU B 78 -18.58 38.24 -22.74
N GLY B 79 -18.13 39.39 -23.24
CA GLY B 79 -18.79 40.65 -23.01
C GLY B 79 -20.02 40.85 -23.90
N PHE B 80 -20.37 39.83 -24.69
CA PHE B 80 -21.57 39.84 -25.50
C PHE B 80 -22.46 38.68 -25.07
N CYS B 81 -22.66 38.57 -23.75
CA CYS B 81 -23.47 37.51 -23.15
C CYS B 81 -24.51 38.12 -22.23
N SER B 82 -25.57 37.34 -21.95
CA SER B 82 -26.69 37.81 -21.16
C SER B 82 -26.41 37.62 -19.67
N ALA B 83 -25.78 36.49 -19.32
CA ALA B 83 -25.44 36.18 -17.94
C ALA B 83 -24.21 35.28 -17.89
N GLY B 84 -23.50 35.35 -16.76
CA GLY B 84 -22.26 34.60 -16.57
C GLY B 84 -21.89 34.56 -15.08
N VAL B 85 -21.24 33.47 -14.66
CA VAL B 85 -20.87 33.29 -13.28
C VAL B 85 -19.56 32.49 -13.20
N GLN B 86 -18.87 32.64 -12.07
CA GLN B 86 -17.63 31.92 -11.81
C GLN B 86 -17.91 30.77 -10.84
N THR B 87 -17.38 29.58 -11.17
CA THR B 87 -17.49 28.42 -10.31
C THR B 87 -16.14 28.15 -9.67
N GLU B 88 -16.16 27.69 -8.41
CA GLU B 88 -14.94 27.39 -7.67
C GLU B 88 -14.08 26.39 -8.45
N ALA B 89 -14.75 25.37 -9.00
CA ALA B 89 -14.08 24.28 -9.70
C ALA B 89 -14.65 24.13 -11.10
N GLY B 90 -14.01 23.27 -11.90
CA GLY B 90 -14.39 23.08 -13.29
C GLY B 90 -15.71 22.33 -13.43
N VAL B 91 -16.26 22.37 -14.65
CA VAL B 91 -17.52 21.76 -15.01
C VAL B 91 -17.23 20.55 -15.88
N ALA B 92 -17.58 19.36 -15.38
CA ALA B 92 -17.47 18.12 -16.14
C ALA B 92 -18.74 17.88 -16.95
N ASP B 93 -19.89 18.20 -16.34
CA ASP B 93 -21.18 18.07 -17.01
C ASP B 93 -22.14 19.10 -16.43
N LEU B 94 -23.18 19.42 -17.20
CA LEU B 94 -24.29 20.23 -16.72
C LEU B 94 -25.55 19.83 -17.48
N THR B 95 -26.70 20.34 -17.02
CA THR B 95 -27.94 20.24 -17.78
C THR B 95 -28.93 21.29 -17.31
N TRP B 96 -29.85 21.63 -18.22
CA TRP B 96 -31.00 22.45 -17.92
C TRP B 96 -31.91 21.75 -16.93
N VAL B 97 -32.47 22.53 -15.99
CA VAL B 97 -33.55 22.07 -15.13
C VAL B 97 -34.77 22.93 -15.46
N GLY B 98 -35.47 22.54 -16.54
CA GLY B 98 -36.57 23.33 -17.07
C GLY B 98 -36.06 24.48 -17.92
N GLU B 99 -36.34 25.71 -17.48
CA GLU B 99 -36.02 26.90 -18.25
C GLU B 99 -34.99 27.76 -17.53
N ARG B 100 -34.99 27.75 -16.19
CA ARG B 100 -34.16 28.66 -15.41
C ARG B 100 -33.05 27.93 -14.65
N GLY B 101 -33.25 26.65 -14.32
CA GLY B 101 -32.32 25.91 -13.48
C GLY B 101 -31.14 25.35 -14.28
N ILE B 102 -29.97 25.30 -13.64
CA ILE B 102 -28.75 24.75 -14.23
C ILE B 102 -28.12 23.78 -13.24
N LEU B 103 -27.99 22.50 -13.64
CA LEU B 103 -27.46 21.46 -12.78
C LEU B 103 -26.04 21.12 -13.21
N VAL B 104 -25.11 21.06 -12.25
CA VAL B 104 -23.69 21.03 -12.54
C VAL B 104 -23.03 19.82 -11.89
N ALA B 105 -22.27 19.07 -12.71
CA ALA B 105 -21.34 18.07 -12.23
C ALA B 105 -19.96 18.70 -12.07
N SER B 106 -19.51 18.86 -10.82
CA SER B 106 -18.26 19.55 -10.52
C SER B 106 -17.12 18.56 -10.31
N ASP B 107 -15.89 19.03 -10.57
CA ASP B 107 -14.67 18.31 -10.23
C ASP B 107 -14.56 18.13 -8.72
N SER B 108 -15.11 19.10 -7.98
CA SER B 108 -15.04 19.11 -6.53
C SER B 108 -15.67 17.86 -5.91
N GLY B 109 -16.46 17.13 -6.70
CA GLY B 109 -17.26 16.04 -6.20
C GLY B 109 -18.64 16.52 -5.76
N ALA B 110 -18.92 17.81 -6.00
CA ALA B 110 -20.20 18.40 -5.68
C ALA B 110 -21.12 18.32 -6.89
N VAL B 111 -22.41 18.16 -6.62
CA VAL B 111 -23.47 18.45 -7.56
C VAL B 111 -24.09 19.78 -7.14
N GLU B 112 -24.23 20.70 -8.10
CA GLU B 112 -24.68 22.06 -7.82
C GLU B 112 -25.89 22.40 -8.67
N LEU B 113 -26.81 23.19 -8.09
CA LEU B 113 -27.94 23.75 -8.83
C LEU B 113 -27.84 25.27 -8.79
N TRP B 114 -27.66 25.87 -9.97
CA TRP B 114 -27.69 27.31 -10.16
C TRP B 114 -29.00 27.68 -10.86
N GLU B 115 -29.56 28.85 -10.50
CA GLU B 115 -30.80 29.33 -11.12
C GLU B 115 -30.56 30.68 -11.78
N LEU B 116 -31.31 30.93 -12.85
CA LEU B 116 -31.34 32.23 -13.50
C LEU B 116 -32.21 33.18 -12.69
N ASP B 117 -31.63 34.35 -12.35
CA ASP B 117 -32.29 35.33 -11.49
C ASP B 117 -32.06 36.74 -12.04
N GLU B 118 -32.73 37.71 -11.42
CA GLU B 118 -32.57 39.12 -11.74
C GLU B 118 -32.95 39.34 -13.20
N ASN B 119 -34.05 38.72 -13.63
CA ASN B 119 -34.48 38.74 -15.03
C ASN B 119 -33.40 38.09 -15.90
N GLU B 120 -32.86 36.97 -15.41
CA GLU B 120 -31.89 36.16 -16.15
C GLU B 120 -30.66 37.00 -16.52
N THR B 121 -30.16 37.77 -15.55
CA THR B 121 -28.91 38.49 -15.71
C THR B 121 -27.88 37.95 -14.71
N LEU B 122 -28.35 37.60 -13.51
CA LEU B 122 -27.53 36.88 -12.54
C LEU B 122 -27.68 35.38 -12.76
N ILE B 123 -26.71 34.62 -12.24
CA ILE B 123 -26.78 33.16 -12.12
C ILE B 123 -26.31 32.82 -10.71
N VAL B 124 -27.19 32.18 -9.92
CA VAL B 124 -27.00 32.09 -8.49
C VAL B 124 -27.08 30.64 -8.04
N SER B 125 -26.09 30.22 -7.24
CA SER B 125 -26.09 28.92 -6.60
C SER B 125 -27.35 28.78 -5.75
N LYS B 126 -28.04 27.64 -5.89
CA LYS B 126 -29.17 27.32 -5.03
C LYS B 126 -28.71 26.30 -3.99
N PHE B 127 -27.96 25.29 -4.42
CA PHE B 127 -27.30 24.38 -3.50
C PHE B 127 -25.99 23.87 -4.12
N CYS B 128 -25.14 23.36 -3.23
CA CYS B 128 -23.85 22.77 -3.59
C CYS B 128 -23.56 21.65 -2.61
N LYS B 129 -23.77 20.40 -3.04
CA LYS B 129 -23.76 19.26 -2.14
C LYS B 129 -22.63 18.31 -2.48
N TYR B 130 -21.62 18.28 -1.60
CA TYR B 130 -20.49 17.36 -1.72
C TYR B 130 -20.90 16.02 -1.14
N GLU B 131 -21.50 15.17 -1.98
CA GLU B 131 -21.93 13.83 -1.58
C GLU B 131 -21.13 12.76 -2.33
N HIS B 132 -20.64 13.09 -3.53
CA HIS B 132 -19.70 12.24 -4.24
C HIS B 132 -18.31 12.37 -3.62
N ASP B 133 -17.55 11.26 -3.64
CA ASP B 133 -16.23 11.22 -3.02
C ASP B 133 -15.13 11.44 -4.05
N ASP B 134 -15.50 11.66 -5.32
CA ASP B 134 -14.55 11.99 -6.37
C ASP B 134 -15.29 12.82 -7.42
N ILE B 135 -14.58 13.20 -8.49
CA ILE B 135 -15.15 14.01 -9.57
C ILE B 135 -16.50 13.43 -9.98
N VAL B 136 -17.45 14.34 -10.25
CA VAL B 136 -18.74 13.99 -10.81
C VAL B 136 -18.63 14.09 -12.33
N SER B 137 -18.73 12.96 -13.01
CA SER B 137 -18.48 12.86 -14.44
C SER B 137 -19.73 13.21 -15.25
N THR B 138 -20.92 12.87 -14.73
CA THR B 138 -22.14 12.95 -15.52
C THR B 138 -23.34 13.23 -14.61
N VAL B 139 -24.29 14.03 -15.15
CA VAL B 139 -25.60 14.22 -14.56
C VAL B 139 -26.65 14.10 -15.68
N SER B 140 -27.91 13.89 -15.26
CA SER B 140 -29.03 13.75 -16.17
C SER B 140 -30.34 14.00 -15.41
N VAL B 141 -31.22 14.84 -15.98
CA VAL B 141 -32.48 15.19 -15.34
C VAL B 141 -33.52 14.14 -15.70
N LEU B 142 -34.37 13.79 -14.74
CA LEU B 142 -35.39 12.77 -14.93
C LEU B 142 -36.67 13.41 -15.49
N SER B 143 -37.58 12.56 -15.98
N SER B 143 -37.57 12.55 -15.99
CA SER B 143 -38.73 12.98 -16.76
CA SER B 143 -38.74 12.98 -16.74
C SER B 143 -39.49 14.12 -16.07
C SER B 143 -39.46 14.14 -16.06
N SER B 144 -39.76 13.97 -14.76
CA SER B 144 -40.50 14.95 -14.00
C SER B 144 -39.76 16.29 -14.01
N GLY B 145 -38.50 16.27 -13.57
CA GLY B 145 -37.69 17.47 -13.47
C GLY B 145 -37.60 17.98 -12.03
N THR B 146 -38.08 17.17 -11.07
CA THR B 146 -37.86 17.42 -9.66
C THR B 146 -36.70 16.55 -9.17
N GLN B 147 -36.17 15.69 -10.06
CA GLN B 147 -35.17 14.71 -9.69
C GLN B 147 -34.12 14.59 -10.79
N ALA B 148 -32.93 14.12 -10.39
CA ALA B 148 -31.82 13.90 -11.30
C ALA B 148 -30.91 12.81 -10.75
N VAL B 149 -30.06 12.26 -11.63
CA VAL B 149 -29.13 11.20 -11.28
C VAL B 149 -27.73 11.60 -11.73
N SER B 150 -26.75 11.40 -10.85
CA SER B 150 -25.34 11.71 -11.13
C SER B 150 -24.52 10.43 -11.20
N GLY B 151 -23.44 10.47 -11.99
CA GLY B 151 -22.43 9.43 -12.03
C GLY B 151 -21.05 10.03 -11.81
N SER B 152 -20.19 9.32 -11.05
CA SER B 152 -18.93 9.87 -10.58
C SER B 152 -17.79 8.87 -10.77
N LYS B 153 -16.56 9.38 -10.63
CA LYS B 153 -15.35 8.57 -10.70
C LYS B 153 -15.22 7.72 -9.43
N ASP B 154 -15.96 8.09 -8.37
CA ASP B 154 -16.03 7.30 -7.15
C ASP B 154 -16.83 6.02 -7.34
N ILE B 155 -17.34 5.80 -8.55
N ILE B 155 -17.33 5.78 -8.56
CA ILE B 155 -17.91 4.52 -8.99
CA ILE B 155 -17.91 4.49 -8.96
C ILE B 155 -19.39 4.43 -8.60
C ILE B 155 -19.41 4.45 -8.63
N CYS B 156 -19.91 5.45 -7.90
CA CYS B 156 -21.29 5.44 -7.42
C CYS B 156 -22.22 6.20 -8.37
N ILE B 157 -23.50 5.86 -8.28
CA ILE B 157 -24.59 6.58 -8.93
C ILE B 157 -25.58 7.01 -7.86
N LYS B 158 -26.01 8.29 -7.92
CA LYS B 158 -26.86 8.86 -6.89
C LYS B 158 -28.10 9.48 -7.52
N VAL B 159 -29.23 9.35 -6.82
CA VAL B 159 -30.50 9.94 -7.25
C VAL B 159 -30.83 11.10 -6.31
N TRP B 160 -31.17 12.25 -6.91
CA TRP B 160 -31.35 13.49 -6.17
C TRP B 160 -32.82 13.94 -6.22
N ASP B 161 -33.28 14.55 -5.13
CA ASP B 161 -34.45 15.41 -5.18
C ASP B 161 -33.97 16.86 -5.19
N LEU B 162 -34.30 17.58 -6.27
CA LEU B 162 -33.75 18.91 -6.52
C LEU B 162 -34.39 19.91 -5.56
N ALA B 163 -35.71 19.77 -5.34
CA ALA B 163 -36.45 20.66 -4.46
C ALA B 163 -35.97 20.48 -3.02
N GLN B 164 -35.83 19.22 -2.58
CA GLN B 164 -35.34 18.91 -1.25
C GLN B 164 -33.85 19.21 -1.12
N GLN B 165 -33.10 19.03 -2.20
N GLN B 165 -33.10 19.02 -2.21
CA GLN B 165 -31.65 19.20 -2.19
CA GLN B 165 -31.66 19.18 -2.24
C GLN B 165 -31.00 18.09 -1.38
C GLN B 165 -31.02 18.11 -1.36
N VAL B 166 -31.57 16.89 -1.45
CA VAL B 166 -31.06 15.74 -0.71
C VAL B 166 -30.93 14.56 -1.67
N VAL B 167 -29.91 13.71 -1.44
CA VAL B 167 -29.76 12.47 -2.18
C VAL B 167 -30.73 11.46 -1.61
N LEU B 168 -31.42 10.74 -2.50
CA LEU B 168 -32.43 9.75 -2.11
C LEU B 168 -31.80 8.37 -2.03
N SER B 169 -31.05 8.00 -3.08
CA SER B 169 -30.47 6.68 -3.22
C SER B 169 -29.00 6.80 -3.55
N SER B 170 -28.19 5.85 -3.05
CA SER B 170 -26.80 5.72 -3.42
C SER B 170 -26.53 4.29 -3.89
N TYR B 171 -25.99 4.17 -5.10
CA TYR B 171 -25.88 2.89 -5.78
C TYR B 171 -24.43 2.62 -6.19
N ARG B 172 -23.78 1.69 -5.49
CA ARG B 172 -22.49 1.17 -5.92
C ARG B 172 -22.73 -0.13 -6.70
N ALA B 173 -23.20 0.02 -7.94
CA ALA B 173 -23.51 -1.11 -8.80
C ALA B 173 -22.30 -1.46 -9.66
N HIS B 174 -21.58 -0.42 -10.12
CA HIS B 174 -20.43 -0.60 -10.99
C HIS B 174 -19.19 -0.95 -10.18
N ALA B 175 -18.13 -1.34 -10.90
CA ALA B 175 -16.86 -1.74 -10.32
C ALA B 175 -15.73 -0.83 -10.81
N ALA B 176 -16.10 0.26 -11.49
CA ALA B 176 -15.14 1.20 -12.06
C ALA B 176 -15.83 2.54 -12.28
N GLN B 177 -15.07 3.53 -12.78
CA GLN B 177 -15.58 4.88 -12.96
C GLN B 177 -16.88 4.83 -13.77
N VAL B 178 -17.88 5.60 -13.31
CA VAL B 178 -19.12 5.76 -14.04
C VAL B 178 -18.88 6.81 -15.12
N THR B 179 -19.11 6.42 -16.38
CA THR B 179 -18.79 7.24 -17.54
C THR B 179 -19.97 8.14 -17.89
N CYS B 180 -21.19 7.60 -17.79
CA CYS B 180 -22.37 8.22 -18.38
C CYS B 180 -23.62 7.75 -17.65
N VAL B 181 -24.54 8.68 -17.37
CA VAL B 181 -25.88 8.34 -16.90
C VAL B 181 -26.89 9.10 -17.75
N ALA B 182 -27.92 8.41 -18.24
CA ALA B 182 -28.87 8.97 -19.18
C ALA B 182 -30.30 8.62 -18.78
N ALA B 183 -31.09 9.65 -18.45
CA ALA B 183 -32.44 9.50 -17.95
C ALA B 183 -33.36 9.00 -19.07
N SER B 184 -34.25 8.08 -18.70
CA SER B 184 -35.39 7.72 -19.55
C SER B 184 -36.16 8.99 -19.89
N PRO B 185 -36.49 9.24 -21.18
CA PRO B 185 -37.24 10.43 -21.58
C PRO B 185 -38.54 10.66 -20.80
N HIS B 186 -39.35 9.60 -20.68
CA HIS B 186 -40.73 9.73 -20.25
C HIS B 186 -41.00 8.97 -18.94
N LYS B 187 -39.94 8.50 -18.27
CA LYS B 187 -40.07 7.70 -17.06
C LYS B 187 -39.06 8.15 -16.02
N ASP B 188 -39.53 8.34 -14.79
N ASP B 188 -39.52 8.34 -14.78
CA ASP B 188 -38.74 8.90 -13.70
CA ASP B 188 -38.72 8.91 -13.71
C ASP B 188 -38.34 7.81 -12.72
C ASP B 188 -38.18 7.81 -12.78
N SER B 189 -38.36 6.54 -13.16
CA SER B 189 -37.84 5.43 -12.38
C SER B 189 -36.80 4.67 -13.18
N VAL B 190 -36.50 5.15 -14.40
CA VAL B 190 -35.71 4.40 -15.36
C VAL B 190 -34.62 5.28 -15.95
N PHE B 191 -33.44 4.68 -16.20
CA PHE B 191 -32.32 5.35 -16.84
C PHE B 191 -31.25 4.32 -17.18
N LEU B 192 -30.28 4.75 -17.99
CA LEU B 192 -29.12 3.94 -18.33
C LEU B 192 -27.91 4.47 -17.59
N SER B 193 -26.91 3.59 -17.43
CA SER B 193 -25.58 3.97 -17.01
C SER B 193 -24.56 3.07 -17.70
N CYS B 194 -23.34 3.58 -17.85
CA CYS B 194 -22.24 2.77 -18.36
C CYS B 194 -20.96 3.18 -17.64
N SER B 195 -19.99 2.24 -17.60
CA SER B 195 -18.83 2.36 -16.75
C SER B 195 -17.62 1.74 -17.45
N GLU B 196 -16.43 2.03 -16.90
CA GLU B 196 -15.19 1.42 -17.39
C GLU B 196 -15.13 -0.06 -16.96
N ASP B 197 -16.06 -0.50 -16.12
CA ASP B 197 -16.19 -1.91 -15.79
C ASP B 197 -16.79 -2.68 -16.97
N ASN B 198 -17.10 -1.94 -18.04
CA ASN B 198 -17.56 -2.51 -19.31
C ASN B 198 -19.02 -2.95 -19.22
N ARG B 199 -19.73 -2.49 -18.17
CA ARG B 199 -21.15 -2.81 -18.02
C ARG B 199 -21.99 -1.66 -18.57
N ILE B 200 -23.13 -2.03 -19.16
CA ILE B 200 -24.22 -1.11 -19.41
C ILE B 200 -25.40 -1.57 -18.56
N LEU B 201 -25.82 -0.73 -17.61
CA LEU B 201 -26.91 -1.08 -16.70
C LEU B 201 -28.17 -0.31 -17.11
N LEU B 202 -29.24 -1.07 -17.39
CA LEU B 202 -30.58 -0.51 -17.47
C LEU B 202 -31.15 -0.50 -16.06
N TRP B 203 -31.60 0.67 -15.61
CA TRP B 203 -32.11 0.84 -14.26
C TRP B 203 -33.63 0.87 -14.26
N ASP B 204 -34.20 0.57 -13.09
CA ASP B 204 -35.61 0.72 -12.82
C ASP B 204 -35.79 0.69 -11.30
N THR B 205 -35.94 1.88 -10.70
CA THR B 205 -35.87 2.03 -9.26
C THR B 205 -37.07 1.38 -8.56
N ARG B 206 -37.96 0.73 -9.33
CA ARG B 206 -39.12 0.08 -8.75
C ARG B 206 -38.79 -1.35 -8.33
N CYS B 207 -37.72 -1.93 -8.88
CA CYS B 207 -37.29 -3.27 -8.52
C CYS B 207 -36.35 -3.21 -7.32
N PRO B 208 -36.35 -4.24 -6.44
CA PRO B 208 -35.50 -4.23 -5.24
C PRO B 208 -34.02 -4.38 -5.61
N LYS B 209 -33.75 -5.09 -6.71
CA LYS B 209 -32.47 -5.02 -7.39
C LYS B 209 -32.65 -4.14 -8.62
N PRO B 210 -32.48 -2.80 -8.49
CA PRO B 210 -32.85 -1.86 -9.54
C PRO B 210 -32.05 -1.90 -10.84
N ALA B 211 -30.92 -2.59 -10.85
CA ALA B 211 -30.03 -2.57 -12.00
C ALA B 211 -30.13 -3.88 -12.78
N SER B 212 -30.02 -3.78 -14.10
CA SER B 212 -30.03 -4.94 -14.99
C SER B 212 -28.99 -4.76 -16.07
N GLN B 213 -28.01 -5.68 -16.09
CA GLN B 213 -26.92 -5.67 -17.05
C GLN B 213 -27.46 -6.12 -18.40
N ILE B 214 -26.94 -5.54 -19.49
CA ILE B 214 -27.47 -5.78 -20.82
C ILE B 214 -26.33 -5.78 -21.83
N GLY B 215 -26.04 -6.96 -22.40
CA GLY B 215 -24.98 -7.11 -23.38
C GLY B 215 -25.38 -6.52 -24.71
N GLY B 220 -16.91 -6.61 -25.86
CA GLY B 220 -17.20 -5.27 -26.40
C GLY B 220 -16.33 -4.21 -25.71
N TYR B 221 -15.85 -3.25 -26.50
CA TYR B 221 -14.97 -2.21 -26.01
C TYR B 221 -15.73 -1.30 -25.05
N LEU B 222 -15.00 -0.66 -24.14
CA LEU B 222 -15.59 0.07 -23.03
C LEU B 222 -16.60 1.08 -23.56
N PRO B 223 -17.80 1.15 -22.95
CA PRO B 223 -18.84 2.10 -23.38
C PRO B 223 -18.59 3.49 -22.82
N THR B 224 -18.74 4.50 -23.68
CA THR B 224 -18.32 5.86 -23.36
C THR B 224 -19.49 6.83 -23.34
N SER B 225 -20.57 6.53 -24.08
CA SER B 225 -21.65 7.50 -24.29
C SER B 225 -23.00 6.79 -24.45
N LEU B 226 -24.07 7.48 -24.04
CA LEU B 226 -25.43 6.94 -24.06
C LEU B 226 -26.42 7.99 -24.57
N ALA B 227 -27.38 7.54 -25.40
CA ALA B 227 -28.52 8.36 -25.77
C ALA B 227 -29.75 7.49 -25.99
N TRP B 228 -30.78 7.69 -25.16
CA TRP B 228 -32.10 7.13 -25.41
C TRP B 228 -32.62 7.62 -26.76
N HIS B 229 -33.46 6.80 -27.41
CA HIS B 229 -34.17 7.25 -28.59
C HIS B 229 -35.36 8.08 -28.13
N PRO B 230 -35.59 9.28 -28.73
CA PRO B 230 -36.66 10.17 -28.29
C PRO B 230 -38.07 9.71 -28.66
N GLN B 231 -38.20 9.04 -29.81
CA GLN B 231 -39.49 8.63 -30.35
C GLN B 231 -39.89 7.28 -29.75
N GLN B 232 -38.93 6.35 -29.69
CA GLN B 232 -39.18 4.99 -29.25
C GLN B 232 -38.42 4.76 -27.95
N SER B 233 -39.15 4.66 -26.84
CA SER B 233 -38.57 4.10 -25.63
C SER B 233 -38.22 2.64 -25.93
N GLU B 234 -37.46 2.01 -25.05
CA GLU B 234 -36.97 0.65 -25.27
C GLU B 234 -35.82 0.66 -26.28
N VAL B 235 -35.51 1.83 -26.86
CA VAL B 235 -34.45 1.96 -27.85
C VAL B 235 -33.45 2.99 -27.33
N PHE B 236 -32.16 2.71 -27.54
CA PHE B 236 -31.10 3.63 -27.17
C PHE B 236 -29.85 3.30 -27.99
N VAL B 237 -28.87 4.19 -27.94
CA VAL B 237 -27.59 3.99 -28.61
C VAL B 237 -26.46 4.19 -27.60
N PHE B 238 -25.32 3.52 -27.85
CA PHE B 238 -24.13 3.73 -27.06
C PHE B 238 -22.92 3.79 -27.99
N GLY B 239 -21.94 4.61 -27.60
CA GLY B 239 -20.66 4.68 -28.28
C GLY B 239 -19.55 4.16 -27.38
N ASP B 240 -18.53 3.52 -27.98
CA ASP B 240 -17.46 2.90 -27.23
C ASP B 240 -16.18 3.74 -27.35
N GLU B 241 -15.11 3.26 -26.72
CA GLU B 241 -13.81 3.93 -26.74
C GLU B 241 -13.11 3.72 -28.08
N ASN B 242 -13.59 2.74 -28.87
CA ASN B 242 -12.97 2.38 -30.14
C ASN B 242 -13.57 3.17 -31.29
N GLY B 243 -14.54 4.05 -31.00
CA GLY B 243 -15.12 4.92 -32.00
C GLY B 243 -16.22 4.23 -32.80
N THR B 244 -16.86 3.24 -32.19
CA THR B 244 -17.99 2.54 -32.79
C THR B 244 -19.27 3.02 -32.11
N VAL B 245 -20.28 3.32 -32.93
CA VAL B 245 -21.62 3.63 -32.43
C VAL B 245 -22.48 2.39 -32.62
N SER B 246 -23.32 2.09 -31.62
CA SER B 246 -24.14 0.90 -31.62
C SER B 246 -25.59 1.25 -31.28
N LEU B 247 -26.52 0.45 -31.84
CA LEU B 247 -27.95 0.64 -31.70
C LEU B 247 -28.54 -0.59 -31.04
N VAL B 248 -29.31 -0.38 -29.96
CA VAL B 248 -29.71 -1.48 -29.09
C VAL B 248 -31.21 -1.39 -28.80
N ASP B 249 -31.86 -2.55 -28.75
CA ASP B 249 -33.22 -2.71 -28.29
C ASP B 249 -33.17 -3.35 -26.90
N THR B 250 -33.83 -2.72 -25.92
CA THR B 250 -33.72 -3.14 -24.53
C THR B 250 -34.28 -4.55 -24.37
N LYS B 251 -35.45 -4.81 -24.96
CA LYS B 251 -36.09 -6.12 -24.86
C LYS B 251 -35.16 -7.20 -25.40
N SER B 252 -34.59 -6.94 -26.59
CA SER B 252 -33.73 -7.89 -27.26
C SER B 252 -32.43 -8.09 -26.49
N THR B 253 -31.82 -6.98 -26.05
CA THR B 253 -30.46 -6.95 -25.54
C THR B 253 -29.51 -7.54 -26.59
N SER B 254 -29.86 -7.34 -27.87
CA SER B 254 -29.05 -7.77 -29.00
C SER B 254 -28.73 -6.55 -29.85
N CYS B 255 -27.45 -6.39 -30.21
CA CYS B 255 -27.01 -5.24 -30.98
C CYS B 255 -27.67 -5.29 -32.36
N VAL B 256 -28.52 -4.30 -32.63
CA VAL B 256 -29.26 -4.24 -33.88
C VAL B 256 -28.28 -3.91 -35.01
N LEU B 257 -27.45 -2.88 -34.79
CA LEU B 257 -26.51 -2.43 -35.81
C LEU B 257 -25.32 -1.71 -35.16
N SER B 258 -24.16 -1.84 -35.81
CA SER B 258 -22.93 -1.16 -35.39
C SER B 258 -22.27 -0.50 -36.60
N SER B 259 -21.57 0.61 -36.33
CA SER B 259 -20.83 1.30 -37.37
C SER B 259 -19.56 1.92 -36.78
N ALA B 260 -18.44 1.75 -37.50
CA ALA B 260 -17.19 2.43 -37.17
C ALA B 260 -17.25 3.86 -37.70
N VAL B 261 -17.71 4.79 -36.85
CA VAL B 261 -17.99 6.15 -37.26
C VAL B 261 -16.79 7.05 -36.95
N HIS B 262 -16.18 6.85 -35.78
CA HIS B 262 -15.06 7.68 -35.35
C HIS B 262 -13.78 6.83 -35.26
N SER B 263 -12.64 7.52 -35.36
CA SER B 263 -11.33 6.88 -35.29
C SER B 263 -10.81 6.91 -33.86
N GLN B 264 -11.66 7.41 -32.94
CA GLN B 264 -11.33 7.50 -31.54
C GLN B 264 -12.63 7.49 -30.73
N CYS B 265 -12.45 7.38 -29.41
N CYS B 265 -12.45 7.38 -29.41
CA CYS B 265 -13.52 7.42 -28.41
CA CYS B 265 -13.53 7.39 -28.42
C CYS B 265 -14.71 8.27 -28.85
C CYS B 265 -14.70 8.27 -28.83
N VAL B 266 -15.92 7.77 -28.56
CA VAL B 266 -17.15 8.52 -28.77
C VAL B 266 -17.49 9.24 -27.47
N THR B 267 -17.53 10.59 -27.52
CA THR B 267 -17.68 11.40 -26.33
C THR B 267 -19.16 11.65 -26.02
N GLY B 268 -19.96 11.85 -27.08
CA GLY B 268 -21.36 12.23 -26.90
C GLY B 268 -22.21 11.77 -28.08
N LEU B 269 -23.51 11.56 -27.80
CA LEU B 269 -24.50 11.18 -28.80
C LEU B 269 -25.77 11.98 -28.55
N VAL B 270 -26.27 12.65 -29.59
CA VAL B 270 -27.44 13.51 -29.46
C VAL B 270 -28.36 13.30 -30.66
N PHE B 271 -29.65 13.05 -30.37
CA PHE B 271 -30.67 12.91 -31.39
C PHE B 271 -31.25 14.28 -31.72
N SER B 272 -31.63 14.47 -32.98
CA SER B 272 -32.19 15.74 -33.45
C SER B 272 -33.64 15.88 -33.01
N PRO B 273 -34.22 17.10 -33.05
CA PRO B 273 -35.61 17.32 -32.65
C PRO B 273 -36.67 16.73 -33.59
N HIS B 274 -36.28 16.44 -34.84
CA HIS B 274 -37.19 15.94 -35.86
C HIS B 274 -37.94 14.71 -35.36
N SER B 275 -39.16 14.51 -35.87
CA SER B 275 -39.98 13.35 -35.54
C SER B 275 -39.26 12.07 -35.98
N VAL B 276 -38.60 12.14 -37.14
CA VAL B 276 -37.62 11.14 -37.55
C VAL B 276 -36.23 11.73 -37.30
N PRO B 277 -35.58 11.40 -36.16
CA PRO B 277 -34.42 12.17 -35.70
C PRO B 277 -33.06 11.74 -36.27
N PHE B 278 -32.16 12.71 -36.38
CA PHE B 278 -30.77 12.46 -36.72
C PHE B 278 -29.98 12.18 -35.46
N LEU B 279 -28.85 11.47 -35.59
CA LEU B 279 -27.96 11.21 -34.47
C LEU B 279 -26.64 11.94 -34.72
N ALA B 280 -26.36 12.93 -33.84
CA ALA B 280 -25.08 13.62 -33.83
C ALA B 280 -24.10 12.85 -32.95
N SER B 281 -22.88 12.64 -33.45
CA SER B 281 -21.87 11.85 -32.77
C SER B 281 -20.57 12.66 -32.61
N LEU B 282 -20.03 12.64 -31.38
CA LEU B 282 -18.86 13.42 -30.99
C LEU B 282 -17.69 12.48 -30.74
N SER B 283 -16.46 12.99 -30.87
CA SER B 283 -15.28 12.15 -30.73
C SER B 283 -14.05 12.96 -30.36
N GLU B 284 -13.02 12.22 -29.93
CA GLU B 284 -11.70 12.77 -29.62
C GLU B 284 -10.85 12.84 -30.88
N ASP B 285 -11.35 12.24 -31.98
CA ASP B 285 -10.76 12.44 -33.29
C ASP B 285 -11.06 13.85 -33.80
N CYS B 286 -11.73 14.67 -32.96
CA CYS B 286 -11.96 16.08 -33.21
C CYS B 286 -12.96 16.28 -34.35
N SER B 287 -13.83 15.29 -34.56
CA SER B 287 -14.79 15.34 -35.65
C SER B 287 -16.21 15.21 -35.12
N LEU B 288 -17.15 15.77 -35.89
CA LEU B 288 -18.58 15.55 -35.72
C LEU B 288 -19.08 14.77 -36.92
N ALA B 289 -19.93 13.77 -36.66
CA ALA B 289 -20.69 13.10 -37.72
C ALA B 289 -22.17 13.20 -37.39
N VAL B 290 -23.02 13.12 -38.42
CA VAL B 290 -24.45 13.04 -38.24
C VAL B 290 -24.95 11.83 -39.02
N LEU B 291 -25.86 11.07 -38.39
CA LEU B 291 -26.21 9.73 -38.83
C LEU B 291 -27.74 9.61 -38.94
N ASP B 292 -28.19 8.74 -39.86
CA ASP B 292 -29.61 8.50 -40.06
C ASP B 292 -30.08 7.40 -39.11
N SER B 293 -31.25 6.80 -39.40
CA SER B 293 -31.78 5.71 -38.60
C SER B 293 -30.92 4.46 -38.77
N SER B 294 -30.44 4.24 -39.99
CA SER B 294 -29.29 3.39 -40.22
C SER B 294 -28.03 4.18 -39.85
N LEU B 295 -26.98 3.48 -39.42
CA LEU B 295 -25.82 4.13 -38.83
C LEU B 295 -24.91 4.73 -39.89
N SER B 296 -25.41 4.87 -41.13
CA SER B 296 -24.62 5.44 -42.22
C SER B 296 -24.50 6.96 -42.06
N GLU B 297 -23.42 7.51 -42.65
CA GLU B 297 -23.00 8.89 -42.43
C GLU B 297 -23.68 9.81 -43.44
N LEU B 298 -24.11 10.99 -42.96
CA LEU B 298 -24.73 12.00 -43.81
C LEU B 298 -23.83 13.24 -43.87
N PHE B 299 -23.34 13.70 -42.71
CA PHE B 299 -22.50 14.88 -42.62
C PHE B 299 -21.25 14.55 -41.79
N ARG B 300 -20.24 15.41 -41.88
CA ARG B 300 -18.98 15.24 -41.17
C ARG B 300 -18.24 16.56 -41.13
N SER B 301 -17.79 16.96 -39.94
CA SER B 301 -17.13 18.25 -39.74
C SER B 301 -15.75 18.05 -39.11
N GLN B 302 -14.74 18.70 -39.70
CA GLN B 302 -13.37 18.68 -39.20
C GLN B 302 -13.03 20.04 -38.59
N ALA B 303 -14.06 20.89 -38.41
CA ALA B 303 -13.87 22.29 -38.10
C ALA B 303 -13.09 22.47 -36.80
N HIS B 304 -13.43 21.66 -35.79
CA HIS B 304 -12.72 21.68 -34.52
C HIS B 304 -11.29 21.17 -34.72
N ARG B 305 -10.34 21.86 -34.09
CA ARG B 305 -8.94 21.45 -34.11
C ARG B 305 -8.57 20.76 -32.80
N ASP B 306 -9.54 20.66 -31.87
CA ASP B 306 -9.34 19.94 -30.62
C ASP B 306 -10.60 19.10 -30.35
N PHE B 307 -10.66 18.45 -29.18
CA PHE B 307 -11.73 17.51 -28.88
C PHE B 307 -13.09 18.18 -29.01
N VAL B 308 -14.05 17.42 -29.57
CA VAL B 308 -15.44 17.86 -29.66
C VAL B 308 -16.18 17.31 -28.44
N ARG B 309 -16.83 18.21 -27.70
CA ARG B 309 -17.22 17.96 -26.32
C ARG B 309 -18.73 17.82 -26.16
N ASP B 310 -19.51 18.70 -26.80
CA ASP B 310 -20.96 18.67 -26.68
C ASP B 310 -21.59 19.07 -28.01
N ALA B 311 -22.90 18.85 -28.11
CA ALA B 311 -23.68 19.21 -29.28
C ALA B 311 -25.15 19.39 -28.88
N THR B 312 -25.84 20.29 -29.58
CA THR B 312 -27.19 20.70 -29.19
C THR B 312 -27.88 21.30 -30.41
N TRP B 313 -29.06 20.73 -30.74
CA TRP B 313 -29.83 21.16 -31.89
C TRP B 313 -30.68 22.37 -31.53
N SER B 314 -30.77 23.33 -32.44
CA SER B 314 -31.58 24.52 -32.24
C SER B 314 -33.06 24.14 -32.21
N PRO B 315 -33.83 24.64 -31.22
CA PRO B 315 -35.29 24.45 -31.21
C PRO B 315 -35.93 25.26 -32.33
N LEU B 316 -35.36 26.42 -32.61
CA LEU B 316 -35.93 27.39 -33.53
C LEU B 316 -35.67 26.96 -34.97
N ASN B 317 -34.55 26.26 -35.19
CA ASN B 317 -34.24 25.67 -36.48
C ASN B 317 -33.72 24.24 -36.27
N HIS B 318 -34.43 23.27 -36.85
CA HIS B 318 -34.15 21.87 -36.62
C HIS B 318 -33.08 21.34 -37.57
N SER B 319 -32.46 22.23 -38.36
CA SER B 319 -31.30 21.86 -39.17
C SER B 319 -30.06 22.64 -38.77
N LEU B 320 -30.16 23.48 -37.72
CA LEU B 320 -29.00 24.12 -37.13
C LEU B 320 -28.49 23.23 -36.01
N LEU B 321 -27.15 23.05 -35.96
CA LEU B 321 -26.51 22.23 -34.94
C LEU B 321 -25.27 22.95 -34.43
N THR B 322 -25.08 22.96 -33.11
CA THR B 322 -24.07 23.77 -32.47
C THR B 322 -23.15 22.89 -31.63
N THR B 323 -21.87 22.82 -32.02
CA THR B 323 -20.86 22.07 -31.28
C THR B 323 -20.01 23.03 -30.46
N VAL B 324 -19.38 22.49 -29.41
CA VAL B 324 -18.32 23.19 -28.70
C VAL B 324 -17.16 22.22 -28.51
N GLY B 325 -15.96 22.77 -28.29
CA GLY B 325 -14.75 21.97 -28.20
C GLY B 325 -13.70 22.62 -27.33
N TRP B 326 -12.62 21.89 -27.06
CA TRP B 326 -11.52 22.39 -26.25
C TRP B 326 -10.68 23.41 -27.01
N ASP B 327 -10.90 23.54 -28.31
CA ASP B 327 -10.25 24.58 -29.11
C ASP B 327 -10.95 25.93 -28.91
N HIS B 328 -12.02 25.95 -28.12
CA HIS B 328 -12.71 27.16 -27.71
C HIS B 328 -13.59 27.71 -28.83
N GLN B 329 -13.78 26.94 -29.90
CA GLN B 329 -14.73 27.29 -30.94
C GLN B 329 -16.13 26.92 -30.49
N VAL B 330 -17.08 27.82 -30.77
CA VAL B 330 -18.49 27.49 -30.86
C VAL B 330 -18.84 27.48 -32.35
N VAL B 331 -19.39 26.37 -32.85
CA VAL B 331 -19.53 26.17 -34.28
C VAL B 331 -20.98 25.83 -34.60
N HIS B 332 -21.52 26.50 -35.63
CA HIS B 332 -22.91 26.35 -36.04
C HIS B 332 -22.96 25.60 -37.37
N HIS B 333 -23.48 24.38 -37.33
CA HIS B 333 -23.51 23.50 -38.47
C HIS B 333 -24.90 23.52 -39.12
N VAL B 334 -24.93 23.47 -40.45
CA VAL B 334 -26.15 23.40 -41.23
C VAL B 334 -26.22 22.01 -41.86
N VAL B 335 -27.32 21.31 -41.58
CA VAL B 335 -27.39 19.86 -41.77
C VAL B 335 -28.36 19.54 -42.91
N PRO B 336 -27.87 18.98 -44.05
CA PRO B 336 -28.75 18.43 -45.07
C PRO B 336 -29.66 17.32 -44.54
N1 A1BLF C . 23.19 -4.50 18.33
N3 A1BLF C . 19.73 -5.37 21.35
C4 A1BLF C . 24.58 -4.85 17.97
C5 A1BLF C . 23.04 -3.10 18.77
C6 A1BLF C . 23.96 -2.82 19.95
C7 A1BLF C . 22.45 -5.45 19.02
C8 A1BLF C . 20.72 -5.89 20.52
C10 A1BLF C . 18.19 -3.47 22.01
C13 A1BLF C . 20.11 -1.86 25.02
C15 A1BLF C . 21.96 -7.67 19.52
C17 A1BLF C . 24.05 -10.82 19.25
C20 A1BLF C . 26.08 -10.47 21.62
C21 A1BLF C . 26.73 -10.09 22.94
C22 A1BLF C . 28.05 -9.61 22.94
C24 A1BLF C . 28.00 -9.40 25.35
C26 A1BLF C . 29.36 -9.02 28.74
C28 A1BLF C . 30.39 -9.62 29.38
C1 A1BLF C . 26.37 -2.83 20.73
C2 A1BLF C . 25.42 -3.10 19.56
C3 A1BLF C . 25.53 -4.58 19.13
N2 A1BLF C . 21.48 -5.04 19.83
C9 A1BLF C . 19.42 -3.94 21.22
N4 A1BLF C . 19.11 -2.89 23.00
C11 A1BLF C . 20.28 -3.03 22.10
C12 A1BLF C . 18.95 -2.41 24.24
O1 A1BLF C . 17.84 -2.41 24.74
C14 A1BLF C . 20.95 -7.26 20.38
N5 A1BLF C . 22.68 -6.75 18.87
C16 A1BLF C . 22.28 -9.10 19.34
O2 A1BLF C . 21.40 -9.93 19.16
N6 A1BLF C . 23.59 -9.44 19.39
C18 A1BLF C . 23.92 -11.53 20.60
O3 A1BLF C . 24.52 -12.83 20.48
C19 A1BLF C . 24.55 -10.72 21.76
C23 A1BLF C . 28.68 -9.28 24.13
O4 A1BLF C . 28.65 -9.04 26.50
C25 A1BLF C . 28.29 -9.54 27.81
O5 A1BLF C . 29.44 -7.71 29.04
C27 A1BLF C . 30.49 -7.54 29.84
N7 A1BLF C . 31.05 -8.68 30.05
C29 A1BLF C . 30.81 -11.05 29.44
C30 A1BLF C . 26.69 -9.87 25.34
C31 A1BLF C . 26.07 -10.22 24.14
C32 A1BLF C . 24.65 -10.72 24.22
N8 A1BLF C . 24.28 -11.47 23.01
CS MTA D . 30.36 -11.81 26.64
S5' MTA D . 30.20 -12.73 25.12
C5' MTA D . 31.44 -14.03 25.41
C4' MTA D . 32.69 -13.60 26.13
O4' MTA D . 33.55 -14.76 26.29
C2' MTA D . 34.64 -13.35 24.74
O2' MTA D . 35.85 -12.64 24.58
C3' MTA D . 33.54 -12.53 25.43
O3' MTA D . 34.06 -11.61 26.37
C1' MTA D . 34.82 -14.51 25.71
N9 MTA D . 35.25 -15.75 25.09
C8 MTA D . 34.72 -16.33 23.97
N7 MTA D . 35.31 -17.45 23.63
C5 MTA D . 36.29 -17.63 24.59
C6 MTA D . 37.25 -18.63 24.78
N6 MTA D . 37.37 -19.70 23.99
N1 MTA D . 38.07 -18.52 25.84
C2 MTA D . 37.93 -17.45 26.65
N3 MTA D . 37.06 -16.44 26.56
C4 MTA D . 36.26 -16.59 25.50
C1 EDO E . -10.81 -2.09 -0.28
O1 EDO E . -10.92 -2.28 1.11
C2 EDO E . -11.35 -0.81 -0.79
O2 EDO E . -11.57 -0.81 -2.20
C1 EDO F . 26.97 -13.82 23.92
O1 EDO F . 25.99 -13.52 22.92
C2 EDO F . 26.59 -13.38 25.30
O2 EDO F . 25.85 -14.34 26.05
C1 EDO G . 2.60 -12.85 3.57
O1 EDO G . 2.10 -14.05 4.14
C2 EDO G . 2.66 -12.88 2.09
O2 EDO G . 1.41 -13.15 1.49
C1 EDO H . -3.34 -15.86 4.25
O1 EDO H . -3.10 -16.63 3.08
C2 EDO H . -2.23 -14.96 4.69
O2 EDO H . -0.91 -15.37 4.34
C1 EDO I . 25.22 -6.33 7.86
O1 EDO I . 25.58 -5.06 8.37
C2 EDO I . 25.51 -6.51 6.42
O2 EDO I . 24.51 -5.98 5.57
C1 EDO J . 3.43 0.34 -28.09
O1 EDO J . 4.21 1.50 -28.26
C2 EDO J . 4.14 -0.92 -28.43
O2 EDO J . 4.16 -1.15 -29.81
C1 EDO K . 40.96 -17.68 18.51
O1 EDO K . 41.71 -18.64 17.78
C2 EDO K . 41.32 -17.64 19.95
O2 EDO K . 40.86 -16.49 20.62
C1 EDO L . 17.80 -35.66 10.23
O1 EDO L . 16.94 -35.64 9.11
C2 EDO L . 17.09 -35.73 11.53
O2 EDO L . 15.78 -35.17 11.50
C1 EDO M . 6.68 -28.91 18.18
O1 EDO M . 7.32 -27.65 18.17
C2 EDO M . 7.63 -30.06 18.07
O2 EDO M . 8.62 -30.08 19.08
C1 EDO N . 5.06 18.07 -21.15
O1 EDO N . 4.04 18.99 -20.82
C2 EDO N . 5.97 17.73 -20.02
O2 EDO N . 5.50 18.14 -18.75
C1 EDO O . 8.38 10.98 -9.82
O1 EDO O . 9.54 10.35 -10.36
C2 EDO O . 8.52 11.32 -8.38
O2 EDO O . 8.44 10.20 -7.51
C1 EDO P . 16.62 0.94 -9.31
O1 EDO P . 16.93 2.01 -8.42
C2 EDO P . 15.54 0.03 -8.81
O2 EDO P . 15.69 -0.33 -7.44
C1 EDO Q . 7.47 -0.82 8.04
O1 EDO Q . 8.10 -1.80 8.83
C2 EDO Q . 6.86 -1.35 6.79
O2 EDO Q . 7.75 -2.13 6.02
C1 EDO R . 15.56 1.92 20.33
O1 EDO R . 15.79 0.99 19.27
C2 EDO R . 15.37 1.27 21.63
O2 EDO R . 16.50 0.53 22.09
C1 EDO S . -19.80 -2.31 -24.12
O1 EDO S . -19.30 -2.90 -25.30
C2 EDO S . -20.46 -3.28 -23.21
O2 EDO S . -21.18 -4.30 -23.88
#